data_6MKB
#
_entry.id   6MKB
#
_cell.length_a   77.362
_cell.length_b   77.362
_cell.length_c   118.236
_cell.angle_alpha   90.000
_cell.angle_beta   90.000
_cell.angle_gamma   120.000
#
_symmetry.space_group_name_H-M   'P 31'
#
loop_
_entity.id
_entity.type
_entity.pdbx_description
1 polymer 'Tumor necrosis factor ligand superfamily member 9'
2 branched alpha-D-mannopyranose-(1-3)-beta-D-mannopyranose-(1-4)-2-acetamido-2-deoxy-beta-D-glucopyranose-(1-4)-2-acetamido-2-deoxy-beta-D-glucopyranose
3 branched beta-D-mannopyranose-(1-4)-2-acetamido-2-deoxy-beta-D-glucopyranose-(1-4)-2-acetamido-2-deoxy-beta-D-glucopyranose
4 branched alpha-D-mannopyranose-(1-6)-beta-D-mannopyranose-(1-4)-2-acetamido-2-deoxy-beta-D-glucopyranose-(1-4)-2-acetamido-2-deoxy-beta-D-glucopyranose
5 branched alpha-D-mannopyranose-(1-3)-[alpha-D-mannopyranose-(1-6)]beta-D-mannopyranose-(1-4)-2-acetamido-2-deoxy-beta-D-glucopyranose-(1-4)-2-acetamido-2-deoxy-beta-D-glucopyranose
6 non-polymer 'SODIUM ION'
7 non-polymer 'SULFATE ION'
8 water water
#
_entity_poly.entity_id   1
_entity_poly.type   'polypeptide(L)'
_entity_poly.pdbx_seq_one_letter_code
;NTTQQGSPVFAKLLAKNQASLCNTTLNWHSQDGAGSSYLSQGLRYEEDKKELVVDSPGLYYVFLELKLSPTFTNTGHKVQ
GWVSLVLQAKPQVDDFDNLALTVELFPCSMENKLVDRSWSQLLLLKAGHRLSVGLRAYLHGAQDAYRDWELSYPNTTSFG
LFLVKPDNPWE
;
_entity_poly.pdbx_strand_id   A,B,C,D
#
loop_
_chem_comp.id
_chem_comp.type
_chem_comp.name
_chem_comp.formula
BMA D-saccharide, beta linking beta-D-mannopyranose 'C6 H12 O6'
MAN D-saccharide, alpha linking alpha-D-mannopyranose 'C6 H12 O6'
NA non-polymer 'SODIUM ION' 'Na 1'
NAG D-saccharide, beta linking 2-acetamido-2-deoxy-beta-D-glucopyranose 'C8 H15 N O6'
SO4 non-polymer 'SULFATE ION' 'O4 S -2'
#
# COMPACT_ATOMS: atom_id res chain seq x y z
N SER A 7 -3.54 -20.76 -17.82
CA SER A 7 -4.40 -20.21 -18.88
C SER A 7 -5.27 -19.05 -18.33
N PRO A 8 -5.51 -17.97 -19.12
CA PRO A 8 -6.33 -16.86 -18.57
C PRO A 8 -7.78 -17.27 -18.28
N VAL A 9 -8.34 -16.75 -17.18
CA VAL A 9 -9.74 -17.02 -16.81
C VAL A 9 -10.55 -15.92 -17.47
N PHE A 10 -11.31 -16.27 -18.52
CA PHE A 10 -12.07 -15.33 -19.34
C PHE A 10 -13.34 -15.96 -19.90
N ALA A 11 -14.39 -15.16 -20.06
CA ALA A 11 -15.66 -15.57 -20.66
C ALA A 11 -16.26 -14.41 -21.41
N LYS A 12 -16.89 -14.70 -22.58
CA LYS A 12 -17.64 -13.72 -23.35
C LYS A 12 -18.84 -14.43 -23.95
N LEU A 13 -19.99 -14.28 -23.29
CA LEU A 13 -21.25 -14.89 -23.66
C LEU A 13 -21.99 -13.97 -24.57
N LEU A 14 -22.80 -14.52 -25.48
CA LEU A 14 -23.57 -13.75 -26.43
C LEU A 14 -25.04 -14.00 -26.18
N ALA A 15 -25.83 -12.92 -26.09
CA ALA A 15 -27.25 -13.00 -25.77
C ALA A 15 -28.08 -13.71 -26.81
N LYS A 16 -28.97 -14.57 -26.34
CA LYS A 16 -29.97 -15.21 -27.19
C LYS A 16 -30.91 -14.12 -27.71
N ASN A 17 -31.50 -14.33 -28.88
CA ASN A 17 -32.37 -13.32 -29.50
C ASN A 17 -33.58 -12.95 -28.64
N GLN A 18 -33.97 -11.69 -28.72
CA GLN A 18 -35.08 -11.06 -28.02
C GLN A 18 -35.76 -10.13 -29.04
N ALA A 19 -36.92 -10.58 -29.59
CA ALA A 19 -37.67 -9.89 -30.68
C ALA A 19 -38.20 -8.50 -30.30
N SER A 20 -38.41 -8.26 -29.02
CA SER A 20 -38.90 -6.98 -28.48
C SER A 20 -38.33 -6.78 -27.09
N LEU A 21 -38.48 -5.58 -26.53
CA LEU A 21 -37.94 -5.26 -25.22
C LEU A 21 -38.95 -5.50 -24.10
N CYS A 22 -38.50 -6.10 -23.00
CA CYS A 22 -39.30 -6.37 -21.81
C CYS A 22 -38.39 -6.59 -20.61
N ASN A 23 -38.96 -6.57 -19.40
CA ASN A 23 -38.25 -6.78 -18.15
C ASN A 23 -38.17 -8.29 -17.91
N THR A 24 -36.98 -8.87 -18.11
CA THR A 24 -36.69 -10.31 -18.00
C THR A 24 -35.20 -10.59 -17.71
N THR A 25 -34.88 -11.81 -17.26
CA THR A 25 -33.47 -12.22 -17.10
C THR A 25 -33.05 -12.77 -18.47
N LEU A 26 -32.01 -12.21 -19.04
CA LEU A 26 -31.56 -12.61 -20.35
C LEU A 26 -30.94 -13.99 -20.35
N ASN A 27 -31.17 -14.70 -21.47
CA ASN A 27 -30.62 -16.01 -21.75
C ASN A 27 -29.36 -15.77 -22.54
N TRP A 28 -28.35 -16.64 -22.36
CA TRP A 28 -27.08 -16.47 -23.05
C TRP A 28 -26.58 -17.75 -23.70
N HIS A 29 -25.99 -17.62 -24.90
CA HIS A 29 -25.28 -18.69 -25.61
C HIS A 29 -23.93 -18.85 -24.91
N SER A 30 -23.56 -20.07 -24.46
CA SER A 30 -22.30 -20.38 -23.78
C SER A 30 -21.28 -21.05 -24.74
N GLN A 31 -21.71 -21.27 -25.99
CA GLN A 31 -20.93 -21.82 -27.10
C GLN A 31 -21.52 -21.31 -28.41
N ASP A 32 -20.69 -21.29 -29.48
CA ASP A 32 -21.07 -20.80 -30.80
C ASP A 32 -21.79 -21.91 -31.57
N GLY A 33 -22.10 -21.67 -32.85
CA GLY A 33 -22.77 -22.62 -33.75
C GLY A 33 -22.18 -24.00 -33.83
N ALA A 34 -20.85 -24.11 -33.69
CA ALA A 34 -20.12 -25.37 -33.55
C ALA A 34 -20.04 -25.64 -32.04
N GLY A 35 -19.30 -26.62 -31.57
CA GLY A 35 -19.27 -26.77 -30.11
C GLY A 35 -18.26 -25.89 -29.38
N SER A 36 -17.82 -24.76 -29.99
CA SER A 36 -16.77 -23.93 -29.40
C SER A 36 -17.27 -23.07 -28.24
N SER A 37 -16.83 -23.45 -27.02
CA SER A 37 -17.16 -22.81 -25.74
C SER A 37 -16.67 -21.38 -25.66
N TYR A 38 -17.54 -20.48 -25.17
CA TYR A 38 -17.28 -19.06 -24.93
C TYR A 38 -16.62 -18.85 -23.54
N LEU A 39 -16.42 -19.95 -22.79
CA LEU A 39 -15.85 -19.94 -21.43
C LEU A 39 -14.54 -20.69 -21.34
N SER A 40 -13.62 -20.15 -20.53
CA SER A 40 -12.36 -20.82 -20.23
C SER A 40 -12.61 -21.73 -19.04
N GLN A 41 -11.54 -22.39 -18.56
CA GLN A 41 -11.57 -23.23 -17.36
C GLN A 41 -11.78 -22.32 -16.12
N GLY A 42 -12.46 -22.86 -15.12
CA GLY A 42 -12.74 -22.09 -13.91
C GLY A 42 -13.95 -21.20 -14.05
N LEU A 43 -14.79 -21.50 -15.05
CA LEU A 43 -16.01 -20.78 -15.37
C LEU A 43 -17.05 -21.72 -15.93
N ARG A 44 -18.31 -21.54 -15.51
CA ARG A 44 -19.44 -22.34 -15.98
C ARG A 44 -20.61 -21.46 -16.28
N TYR A 45 -21.48 -21.91 -17.19
CA TYR A 45 -22.74 -21.22 -17.44
C TYR A 45 -23.87 -22.21 -17.18
N GLU A 46 -24.85 -21.80 -16.38
CA GLU A 46 -26.01 -22.62 -16.02
C GLU A 46 -27.25 -22.12 -16.73
N GLU A 47 -27.73 -22.87 -17.72
CA GLU A 47 -28.86 -22.51 -18.59
C GLU A 47 -30.17 -22.27 -17.83
N ASP A 48 -30.46 -23.12 -16.84
CA ASP A 48 -31.67 -23.09 -16.01
C ASP A 48 -31.74 -21.81 -15.15
N LYS A 49 -30.65 -21.46 -14.48
CA LYS A 49 -30.56 -20.28 -13.62
C LYS A 49 -30.19 -19.01 -14.41
N LYS A 50 -29.71 -19.18 -15.67
CA LYS A 50 -29.25 -18.13 -16.62
C LYS A 50 -28.05 -17.37 -15.99
N GLU A 51 -27.24 -18.12 -15.20
CA GLU A 51 -26.12 -17.57 -14.46
C GLU A 51 -24.76 -18.08 -14.88
N LEU A 52 -23.79 -17.15 -14.83
CA LEU A 52 -22.38 -17.39 -15.01
C LEU A 52 -21.84 -17.67 -13.62
N VAL A 53 -21.25 -18.85 -13.42
CA VAL A 53 -20.74 -19.34 -12.13
C VAL A 53 -19.21 -19.22 -12.13
N VAL A 54 -18.71 -18.40 -11.21
CA VAL A 54 -17.29 -18.11 -11.00
C VAL A 54 -16.72 -19.13 -9.99
N ASP A 55 -15.69 -19.87 -10.40
CA ASP A 55 -15.06 -20.92 -9.61
C ASP A 55 -14.19 -20.41 -8.45
N SER A 56 -13.17 -19.58 -8.76
CA SER A 56 -12.21 -19.12 -7.76
C SER A 56 -12.37 -17.63 -7.38
N PRO A 57 -12.10 -17.25 -6.10
CA PRO A 57 -12.24 -15.84 -5.70
C PRO A 57 -11.13 -14.94 -6.24
N GLY A 58 -11.46 -13.66 -6.35
CA GLY A 58 -10.51 -12.65 -6.79
C GLY A 58 -11.15 -11.42 -7.38
N LEU A 59 -10.32 -10.56 -7.96
CA LEU A 59 -10.75 -9.32 -8.60
C LEU A 59 -11.01 -9.60 -10.06
N TYR A 60 -12.28 -9.46 -10.48
CA TYR A 60 -12.69 -9.70 -11.87
C TYR A 60 -13.07 -8.42 -12.57
N TYR A 61 -12.70 -8.30 -13.81
CA TYR A 61 -13.13 -7.21 -14.68
C TYR A 61 -14.40 -7.71 -15.34
N VAL A 62 -15.57 -7.20 -14.92
CA VAL A 62 -16.85 -7.66 -15.46
C VAL A 62 -17.31 -6.66 -16.49
N PHE A 63 -17.83 -7.14 -17.63
CA PHE A 63 -18.25 -6.27 -18.71
C PHE A 63 -19.61 -6.69 -19.27
N LEU A 64 -20.34 -5.67 -19.75
CA LEU A 64 -21.63 -5.72 -20.41
C LEU A 64 -21.59 -4.86 -21.64
N GLU A 65 -22.13 -5.35 -22.73
CA GLU A 65 -22.20 -4.58 -23.96
C GLU A 65 -23.57 -4.77 -24.60
N LEU A 66 -24.38 -3.72 -24.56
CA LEU A 66 -25.72 -3.71 -25.11
C LEU A 66 -25.68 -3.28 -26.58
N LYS A 67 -26.30 -4.10 -27.43
CA LYS A 67 -26.44 -3.79 -28.84
C LYS A 67 -27.94 -3.83 -29.15
N LEU A 68 -28.54 -2.63 -29.20
CA LEU A 68 -29.97 -2.43 -29.50
C LEU A 68 -30.15 -2.22 -30.96
N SER A 69 -30.87 -3.12 -31.62
CA SER A 69 -31.14 -3.03 -33.05
C SER A 69 -32.53 -2.49 -33.29
N PRO A 70 -32.66 -1.42 -34.13
CA PRO A 70 -34.02 -0.89 -34.41
C PRO A 70 -34.79 -1.84 -35.32
N THR A 71 -36.11 -1.95 -35.11
CA THR A 71 -36.96 -2.83 -35.90
C THR A 71 -37.68 -2.06 -37.01
N PHE A 72 -38.42 -2.80 -37.87
CA PHE A 72 -39.19 -2.20 -38.96
C PHE A 72 -40.13 -1.07 -38.48
N THR A 73 -40.79 -1.25 -37.31
CA THR A 73 -41.75 -0.29 -36.74
C THR A 73 -41.06 0.94 -36.10
N ASN A 74 -39.72 0.93 -36.00
CA ASN A 74 -38.95 2.03 -35.44
C ASN A 74 -38.89 3.16 -36.44
N THR A 75 -39.71 4.19 -36.21
CA THR A 75 -39.83 5.39 -37.04
C THR A 75 -40.00 6.64 -36.14
N GLY A 76 -39.82 7.81 -36.73
CA GLY A 76 -39.99 9.09 -36.09
C GLY A 76 -39.12 9.37 -34.88
N HIS A 77 -39.46 10.45 -34.17
CA HIS A 77 -38.76 10.94 -32.98
C HIS A 77 -39.75 10.97 -31.79
N LYS A 78 -40.55 9.91 -31.62
CA LYS A 78 -41.59 9.89 -30.61
C LYS A 78 -41.26 9.01 -29.40
N VAL A 79 -40.72 7.81 -29.64
CA VAL A 79 -40.43 6.85 -28.57
C VAL A 79 -39.21 7.30 -27.78
N GLN A 80 -39.41 7.47 -26.48
CA GLN A 80 -38.33 7.84 -25.57
C GLN A 80 -38.41 6.98 -24.30
N GLY A 81 -37.40 7.11 -23.44
CA GLY A 81 -37.29 6.38 -22.19
C GLY A 81 -35.87 5.90 -21.97
N TRP A 82 -35.73 4.64 -21.54
CA TRP A 82 -34.41 4.08 -21.23
C TRP A 82 -34.40 2.56 -21.33
N VAL A 83 -33.21 2.00 -21.60
CA VAL A 83 -32.97 0.56 -21.69
C VAL A 83 -31.75 0.28 -20.81
N SER A 84 -31.85 -0.79 -20.06
CA SER A 84 -30.81 -1.17 -19.14
C SER A 84 -30.49 -2.67 -19.19
N LEU A 85 -29.22 -2.96 -18.87
CA LEU A 85 -28.66 -4.28 -18.60
C LEU A 85 -28.23 -4.21 -17.14
N VAL A 86 -28.91 -4.97 -16.26
CA VAL A 86 -28.67 -4.95 -14.81
C VAL A 86 -27.92 -6.21 -14.39
N LEU A 87 -26.71 -6.06 -13.85
CA LEU A 87 -25.90 -7.18 -13.37
C LEU A 87 -26.46 -7.62 -12.02
N GLN A 88 -26.98 -8.87 -11.93
CA GLN A 88 -27.61 -9.43 -10.73
C GLN A 88 -26.68 -10.45 -10.07
N ALA A 89 -25.92 -10.02 -9.04
CA ALA A 89 -24.95 -10.88 -8.37
C ALA A 89 -25.54 -11.66 -7.16
N LYS A 90 -25.07 -12.92 -6.98
CA LYS A 90 -25.41 -13.83 -5.88
C LYS A 90 -24.12 -14.44 -5.31
N PRO A 91 -23.63 -14.03 -4.11
CA PRO A 91 -24.19 -13.02 -3.20
C PRO A 91 -24.01 -11.61 -3.72
N GLN A 92 -24.79 -10.66 -3.17
CA GLN A 92 -24.74 -9.24 -3.52
C GLN A 92 -23.32 -8.73 -3.32
N VAL A 93 -22.78 -8.02 -4.30
CA VAL A 93 -21.42 -7.49 -4.16
C VAL A 93 -21.54 -6.20 -3.34
N ASP A 94 -20.71 -6.05 -2.29
CA ASP A 94 -20.78 -4.90 -1.40
C ASP A 94 -19.97 -3.72 -1.97
N ASP A 95 -20.36 -3.32 -3.18
CA ASP A 95 -19.87 -2.20 -3.98
C ASP A 95 -21.03 -1.21 -4.05
N PHE A 96 -22.06 -1.57 -4.86
CA PHE A 96 -23.30 -0.82 -5.05
C PHE A 96 -24.42 -1.76 -5.49
N ASP A 97 -25.68 -1.40 -5.17
CA ASP A 97 -26.89 -2.11 -5.58
C ASP A 97 -27.32 -1.65 -6.98
N ASN A 98 -26.52 -0.72 -7.57
CA ASN A 98 -26.72 -0.10 -8.88
C ASN A 98 -25.57 -0.44 -9.84
N LEU A 99 -25.47 -1.72 -10.21
CA LEU A 99 -24.52 -2.25 -11.18
C LEU A 99 -25.29 -2.47 -12.47
N ALA A 100 -25.36 -1.43 -13.30
CA ALA A 100 -26.14 -1.49 -14.53
C ALA A 100 -25.60 -0.58 -15.62
N LEU A 101 -25.83 -1.00 -16.85
CA LEU A 101 -25.58 -0.27 -18.08
C LEU A 101 -26.93 0.36 -18.42
N THR A 102 -27.01 1.68 -18.50
CA THR A 102 -28.28 2.32 -18.88
C THR A 102 -28.07 3.24 -20.09
N VAL A 103 -28.98 3.11 -21.05
CA VAL A 103 -29.03 3.90 -22.28
C VAL A 103 -30.30 4.73 -22.23
N GLU A 104 -30.16 6.04 -22.31
CA GLU A 104 -31.29 6.95 -22.35
C GLU A 104 -31.68 7.20 -23.80
N LEU A 105 -32.98 7.09 -24.09
CA LEU A 105 -33.50 7.33 -25.41
C LEU A 105 -34.27 8.63 -25.40
N PHE A 106 -33.89 9.50 -26.30
CA PHE A 106 -34.51 10.82 -26.46
C PHE A 106 -35.33 10.85 -27.74
N PRO A 107 -36.23 11.84 -27.93
CA PRO A 107 -37.02 11.89 -29.17
C PRO A 107 -36.15 12.39 -30.34
N CYS A 108 -35.25 11.50 -30.82
CA CYS A 108 -34.28 11.68 -31.90
C CYS A 108 -34.83 11.07 -33.19
N ASN A 112 -32.22 6.91 -36.97
CA ASN A 112 -32.25 5.98 -35.85
C ASN A 112 -31.64 4.63 -36.29
N LYS A 113 -30.50 4.26 -35.67
CA LYS A 113 -29.70 3.09 -36.02
C LYS A 113 -29.32 2.26 -34.78
N LEU A 114 -28.38 1.30 -34.96
CA LEU A 114 -27.88 0.40 -33.92
C LEU A 114 -27.26 1.20 -32.74
N VAL A 115 -27.76 0.95 -31.52
CA VAL A 115 -27.22 1.56 -30.31
C VAL A 115 -26.24 0.56 -29.74
N ASP A 116 -24.97 0.92 -29.64
CA ASP A 116 -23.95 0.01 -29.15
C ASP A 116 -23.24 0.67 -27.97
N ARG A 117 -23.59 0.27 -26.74
CA ARG A 117 -23.01 0.79 -25.51
C ARG A 117 -22.35 -0.29 -24.68
N SER A 118 -21.18 0.03 -24.10
CA SER A 118 -20.40 -0.87 -23.24
C SER A 118 -20.34 -0.33 -21.81
N TRP A 119 -20.17 -1.24 -20.86
CA TRP A 119 -20.05 -0.99 -19.43
C TRP A 119 -19.01 -1.95 -18.83
N SER A 120 -18.30 -1.51 -17.79
CA SER A 120 -17.38 -2.38 -17.07
C SER A 120 -17.20 -1.93 -15.64
N GLN A 121 -16.83 -2.88 -14.78
CA GLN A 121 -16.52 -2.64 -13.39
CA GLN A 121 -16.54 -2.64 -13.38
C GLN A 121 -15.62 -3.75 -12.84
N LEU A 122 -14.64 -3.36 -12.02
CA LEU A 122 -13.72 -4.28 -11.37
C LEU A 122 -14.41 -4.67 -10.07
N LEU A 123 -14.73 -5.96 -9.89
CA LEU A 123 -15.46 -6.44 -8.72
C LEU A 123 -14.76 -7.58 -7.99
N LEU A 124 -14.82 -7.55 -6.65
CA LEU A 124 -14.32 -8.62 -5.82
C LEU A 124 -15.39 -9.71 -5.75
N LEU A 125 -15.09 -10.87 -6.35
CA LEU A 125 -16.00 -12.01 -6.38
C LEU A 125 -15.47 -13.15 -5.51
N LYS A 126 -16.40 -13.95 -4.96
CA LYS A 126 -16.15 -15.10 -4.09
C LYS A 126 -16.20 -16.39 -4.90
N ALA A 127 -15.75 -17.51 -4.30
CA ALA A 127 -15.80 -18.83 -4.91
C ALA A 127 -17.25 -19.29 -4.98
N GLY A 128 -17.71 -19.59 -6.19
CA GLY A 128 -19.08 -20.00 -6.45
C GLY A 128 -20.01 -18.85 -6.73
N HIS A 129 -19.43 -17.66 -7.02
CA HIS A 129 -20.20 -16.44 -7.30
C HIS A 129 -21.03 -16.62 -8.57
N ARG A 130 -22.30 -16.25 -8.48
CA ARG A 130 -23.26 -16.39 -9.57
C ARG A 130 -23.65 -15.01 -10.06
N LEU A 131 -23.61 -14.84 -11.37
CA LEU A 131 -23.88 -13.58 -12.05
C LEU A 131 -24.88 -13.79 -13.18
N SER A 132 -26.02 -13.13 -13.10
CA SER A 132 -27.05 -13.17 -14.14
C SER A 132 -27.29 -11.72 -14.61
N VAL A 133 -27.97 -11.55 -15.75
CA VAL A 133 -28.18 -10.22 -16.32
C VAL A 133 -29.66 -10.03 -16.63
N GLY A 134 -30.23 -8.98 -16.06
CA GLY A 134 -31.61 -8.61 -16.31
C GLY A 134 -31.73 -7.50 -17.33
N LEU A 135 -32.64 -7.68 -18.30
CA LEU A 135 -32.98 -6.65 -19.27
C LEU A 135 -34.07 -5.79 -18.66
N ARG A 136 -33.84 -4.45 -18.57
CA ARG A 136 -34.85 -3.51 -18.06
C ARG A 136 -35.16 -2.45 -19.13
N ALA A 137 -36.44 -2.05 -19.25
CA ALA A 137 -36.80 -1.03 -20.24
C ALA A 137 -38.08 -0.30 -19.86
N TYR A 138 -38.08 0.99 -20.13
CA TYR A 138 -39.26 1.84 -19.99
C TYR A 138 -39.32 2.70 -21.23
N LEU A 139 -40.27 2.40 -22.11
CA LEU A 139 -40.44 3.11 -23.38
C LEU A 139 -41.83 3.65 -23.47
N HIS A 140 -41.95 4.88 -23.99
CA HIS A 140 -43.23 5.58 -24.13
C HIS A 140 -43.13 6.66 -25.21
N GLY A 141 -44.29 7.11 -25.67
CA GLY A 141 -44.40 8.12 -26.71
C GLY A 141 -45.18 7.66 -27.93
N ALA A 142 -45.25 6.33 -28.15
CA ALA A 142 -45.97 5.67 -29.24
C ALA A 142 -46.54 4.33 -28.75
N GLN A 143 -47.63 3.86 -29.39
CA GLN A 143 -48.45 2.70 -29.01
C GLN A 143 -47.67 1.42 -28.59
N ASP A 144 -46.87 0.80 -29.46
CA ASP A 144 -46.15 -0.42 -29.08
C ASP A 144 -44.66 -0.14 -29.18
N ALA A 145 -44.21 0.81 -28.35
CA ALA A 145 -42.86 1.35 -28.24
C ALA A 145 -41.78 0.26 -28.02
N TYR A 146 -42.12 -0.84 -27.29
CA TYR A 146 -41.19 -1.94 -26.95
C TYR A 146 -40.90 -2.82 -28.14
N ARG A 147 -41.74 -2.74 -29.18
CA ARG A 147 -41.58 -3.51 -30.42
C ARG A 147 -40.58 -2.82 -31.37
N ASP A 148 -40.23 -1.53 -31.10
CA ASP A 148 -39.32 -0.71 -31.91
C ASP A 148 -37.82 -1.05 -31.74
N TRP A 149 -37.47 -1.93 -30.79
CA TRP A 149 -36.09 -2.35 -30.58
C TRP A 149 -36.02 -3.83 -30.31
N GLU A 150 -34.89 -4.45 -30.64
CA GLU A 150 -34.67 -5.88 -30.42
C GLU A 150 -33.20 -6.19 -30.14
N LEU A 151 -32.96 -7.38 -29.58
CA LEU A 151 -31.64 -7.93 -29.34
C LEU A 151 -31.54 -9.07 -30.29
N SER A 152 -30.74 -8.94 -31.34
CA SER A 152 -30.65 -9.99 -32.34
C SER A 152 -29.22 -10.21 -32.83
N TYR A 153 -28.97 -11.41 -33.34
CA TYR A 153 -27.77 -11.82 -34.05
C TYR A 153 -27.88 -11.22 -35.47
N PRO A 154 -26.83 -10.64 -36.11
CA PRO A 154 -25.40 -10.64 -35.74
C PRO A 154 -24.93 -9.48 -34.84
N ASN A 155 -25.76 -8.48 -34.51
CA ASN A 155 -25.28 -7.41 -33.60
C ASN A 155 -25.65 -7.83 -32.19
N THR A 156 -24.93 -8.84 -31.69
CA THR A 156 -25.21 -9.54 -30.44
C THR A 156 -24.65 -8.87 -29.19
N THR A 157 -25.54 -8.69 -28.22
CA THR A 157 -25.29 -8.19 -26.87
C THR A 157 -24.40 -9.23 -26.18
N SER A 158 -23.46 -8.77 -25.38
CA SER A 158 -22.52 -9.66 -24.73
C SER A 158 -22.35 -9.35 -23.26
N PHE A 159 -21.81 -10.34 -22.57
CA PHE A 159 -21.57 -10.33 -21.17
C PHE A 159 -20.46 -11.28 -20.87
N GLY A 160 -19.55 -10.82 -20.03
CA GLY A 160 -18.45 -11.65 -19.61
C GLY A 160 -17.63 -11.04 -18.48
N LEU A 161 -16.46 -11.62 -18.28
CA LEU A 161 -15.53 -11.22 -17.25
C LEU A 161 -14.16 -11.84 -17.48
N PHE A 162 -13.15 -11.35 -16.75
CA PHE A 162 -11.77 -11.83 -16.76
C PHE A 162 -11.22 -11.71 -15.35
N LEU A 163 -10.47 -12.72 -14.88
CA LEU A 163 -9.82 -12.70 -13.56
C LEU A 163 -8.52 -11.89 -13.70
N VAL A 164 -8.50 -10.76 -12.99
CA VAL A 164 -7.43 -9.77 -12.99
C VAL A 164 -6.43 -10.09 -11.87
N LYS A 165 -6.95 -10.44 -10.69
CA LYS A 165 -6.10 -10.73 -9.55
C LYS A 165 -6.72 -11.85 -8.72
N PRO A 166 -6.14 -13.09 -8.72
CA PRO A 166 -6.70 -14.16 -7.87
C PRO A 166 -6.53 -13.85 -6.38
N ASP A 167 -7.39 -14.42 -5.53
CA ASP A 167 -7.27 -14.22 -4.08
C ASP A 167 -6.22 -15.19 -3.52
N ASN A 168 -6.15 -16.36 -4.16
CA ASN A 168 -5.20 -17.43 -3.77
C ASN A 168 -4.41 -17.83 -5.02
N PRO A 169 -3.32 -17.11 -5.36
CA PRO A 169 -2.51 -17.44 -6.54
C PRO A 169 -2.13 -18.92 -6.62
N SER B 7 0.86 -14.91 -13.27
CA SER B 7 0.02 -13.75 -12.95
C SER B 7 -0.74 -13.24 -14.20
N PRO B 8 -2.01 -12.79 -14.06
CA PRO B 8 -2.74 -12.28 -15.25
C PRO B 8 -2.10 -11.04 -15.87
N VAL B 9 -2.07 -10.96 -17.21
CA VAL B 9 -1.52 -9.82 -17.93
C VAL B 9 -2.65 -8.84 -18.09
N PHE B 10 -2.56 -7.69 -17.36
CA PHE B 10 -3.59 -6.66 -17.31
C PHE B 10 -2.99 -5.29 -17.04
N ALA B 11 -3.59 -4.26 -17.65
CA ALA B 11 -3.24 -2.86 -17.44
C ALA B 11 -4.48 -1.99 -17.49
N LYS B 12 -4.53 -0.96 -16.64
CA LYS B 12 -5.60 0.04 -16.61
C LYS B 12 -4.95 1.36 -16.25
N LEU B 13 -4.66 2.18 -17.26
CA LEU B 13 -4.05 3.50 -17.15
C LEU B 13 -5.12 4.54 -16.97
N LEU B 14 -4.83 5.62 -16.23
CA LEU B 14 -5.78 6.70 -15.97
C LEU B 14 -5.22 7.97 -16.57
N ALA B 15 -6.03 8.65 -17.38
CA ALA B 15 -5.61 9.82 -18.13
C ALA B 15 -5.22 10.99 -17.25
N LYS B 16 -4.09 11.64 -17.59
CA LYS B 16 -3.68 12.87 -16.94
C LYS B 16 -4.71 13.94 -17.30
N ASN B 17 -4.88 14.95 -16.44
CA ASN B 17 -5.89 15.98 -16.67
C ASN B 17 -5.67 16.75 -17.98
N GLN B 18 -6.79 17.15 -18.57
CA GLN B 18 -6.89 17.90 -19.81
C GLN B 18 -8.00 18.94 -19.58
N ALA B 19 -7.61 20.20 -19.29
CA ALA B 19 -8.48 21.34 -18.93
C ALA B 19 -9.50 21.72 -20.01
N SER B 20 -9.19 21.43 -21.27
CA SER B 20 -10.03 21.72 -22.43
C SER B 20 -9.77 20.67 -23.49
N LEU B 21 -10.62 20.59 -24.52
CA LEU B 21 -10.42 19.58 -25.54
C LEU B 21 -9.64 20.13 -26.73
N CYS B 22 -8.82 19.27 -27.31
CA CYS B 22 -8.00 19.54 -28.48
C CYS B 22 -7.57 18.20 -29.08
N ASN B 23 -7.01 18.27 -30.30
CA ASN B 23 -6.51 17.09 -31.01
C ASN B 23 -5.07 16.89 -30.57
N THR B 24 -4.83 15.82 -29.76
CA THR B 24 -3.52 15.50 -29.15
C THR B 24 -3.44 14.01 -28.73
N THR B 25 -2.23 13.54 -28.41
CA THR B 25 -2.06 12.20 -27.87
C THR B 25 -2.15 12.33 -26.36
N LEU B 26 -3.02 11.55 -25.74
CA LEU B 26 -3.20 11.63 -24.31
C LEU B 26 -2.01 11.08 -23.52
N ASN B 27 -1.74 11.74 -22.38
CA ASN B 27 -0.75 11.36 -21.40
C ASN B 27 -1.47 10.49 -20.35
N TRP B 28 -0.78 9.51 -19.80
CA TRP B 28 -1.38 8.61 -18.84
C TRP B 28 -0.56 8.52 -17.56
N HIS B 29 -1.27 8.34 -16.42
CA HIS B 29 -0.68 7.98 -15.13
C HIS B 29 -0.49 6.46 -15.24
N SER B 30 0.74 5.94 -15.04
CA SER B 30 1.00 4.48 -15.08
C SER B 30 1.11 3.87 -13.63
N GLN B 31 1.05 4.73 -12.59
CA GLN B 31 1.10 4.38 -11.15
C GLN B 31 0.27 5.39 -10.32
N ASP B 32 -0.32 4.93 -9.19
CA ASP B 32 -1.17 5.77 -8.32
C ASP B 32 -0.31 6.79 -7.52
N GLY B 33 -0.87 7.30 -6.41
CA GLY B 33 -0.19 8.24 -5.52
C GLY B 33 1.02 7.66 -4.79
N ALA B 34 1.26 6.35 -4.96
CA ALA B 34 2.38 5.55 -4.48
C ALA B 34 3.02 4.79 -5.67
N GLY B 35 4.10 4.03 -5.42
CA GLY B 35 4.81 3.28 -6.44
C GLY B 35 4.07 2.16 -7.15
N SER B 36 2.92 1.69 -6.61
CA SER B 36 2.12 0.60 -7.18
C SER B 36 1.58 0.97 -8.56
N SER B 37 2.12 0.29 -9.59
CA SER B 37 1.78 0.55 -10.98
C SER B 37 0.47 -0.10 -11.36
N TYR B 38 -0.23 0.54 -12.31
CA TYR B 38 -1.48 0.10 -12.91
C TYR B 38 -1.24 -0.99 -13.98
N LEU B 39 0.04 -1.40 -14.14
CA LEU B 39 0.50 -2.42 -15.08
C LEU B 39 1.04 -3.68 -14.42
N SER B 40 0.68 -4.81 -15.00
CA SER B 40 1.23 -6.09 -14.58
C SER B 40 2.54 -6.31 -15.33
N GLN B 41 3.21 -7.45 -15.11
CA GLN B 41 4.40 -7.78 -15.87
C GLN B 41 3.96 -8.12 -17.30
N GLY B 42 4.86 -8.00 -18.26
CA GLY B 42 4.52 -8.22 -19.65
C GLY B 42 3.87 -6.99 -20.29
N LEU B 43 3.83 -5.87 -19.52
CA LEU B 43 3.27 -4.58 -19.95
C LEU B 43 4.10 -3.45 -19.39
N ARG B 44 4.45 -2.49 -20.25
CA ARG B 44 5.23 -1.29 -19.90
C ARG B 44 4.57 -0.05 -20.41
N TYR B 45 4.80 1.08 -19.75
CA TYR B 45 4.30 2.35 -20.25
C TYR B 45 5.48 3.32 -20.42
N GLU B 46 5.61 3.90 -21.64
CA GLU B 46 6.65 4.84 -22.04
C GLU B 46 6.09 6.26 -22.06
N GLU B 47 6.51 7.08 -21.10
CA GLU B 47 6.06 8.46 -20.89
C GLU B 47 6.33 9.39 -22.11
N ASP B 48 7.52 9.27 -22.70
CA ASP B 48 7.99 10.06 -23.84
C ASP B 48 7.12 9.83 -25.10
N LYS B 49 6.87 8.55 -25.44
CA LYS B 49 6.08 8.17 -26.62
C LYS B 49 4.58 8.14 -26.33
N LYS B 50 4.19 8.17 -25.01
CA LYS B 50 2.83 8.11 -24.47
C LYS B 50 2.18 6.78 -24.92
N GLU B 51 3.02 5.72 -25.01
CA GLU B 51 2.62 4.39 -25.49
C GLU B 51 2.73 3.29 -24.46
N LEU B 52 1.74 2.41 -24.51
CA LEU B 52 1.65 1.18 -23.76
C LEU B 52 2.30 0.13 -24.66
N VAL B 53 3.38 -0.50 -24.14
CA VAL B 53 4.19 -1.50 -24.85
C VAL B 53 3.81 -2.92 -24.36
N VAL B 54 3.31 -3.73 -25.29
CA VAL B 54 2.87 -5.11 -25.09
C VAL B 54 4.07 -6.05 -25.35
N ASP B 55 4.43 -6.85 -24.34
CA ASP B 55 5.57 -7.76 -24.39
C ASP B 55 5.35 -9.01 -25.25
N SER B 56 4.32 -9.80 -24.94
CA SER B 56 4.10 -11.07 -25.63
C SER B 56 2.87 -11.08 -26.59
N PRO B 57 2.93 -11.83 -27.72
CA PRO B 57 1.79 -11.84 -28.65
C PRO B 57 0.60 -12.68 -28.15
N GLY B 58 -0.57 -12.30 -28.63
CA GLY B 58 -1.81 -12.99 -28.35
C GLY B 58 -3.05 -12.15 -28.61
N LEU B 59 -4.19 -12.69 -28.17
CA LEU B 59 -5.49 -12.03 -28.29
C LEU B 59 -5.73 -11.23 -27.01
N TYR B 60 -5.79 -9.89 -27.16
CA TYR B 60 -5.99 -8.99 -26.04
C TYR B 60 -7.35 -8.33 -26.11
N TYR B 61 -7.99 -8.18 -24.94
CA TYR B 61 -9.21 -7.44 -24.81
C TYR B 61 -8.75 -6.02 -24.53
N VAL B 62 -8.91 -5.11 -25.50
CA VAL B 62 -8.46 -3.72 -25.32
C VAL B 62 -9.68 -2.88 -25.02
N PHE B 63 -9.57 -1.98 -24.04
CA PHE B 63 -10.70 -1.15 -23.63
C PHE B 63 -10.30 0.31 -23.48
N LEU B 64 -11.29 1.18 -23.73
CA LEU B 64 -11.28 2.62 -23.61
C LEU B 64 -12.51 3.05 -22.88
N GLU B 65 -12.36 4.00 -21.94
CA GLU B 65 -13.50 4.56 -21.24
C GLU B 65 -13.33 6.07 -21.17
N LEU B 66 -14.14 6.81 -21.93
CA LEU B 66 -14.14 8.25 -21.99
C LEU B 66 -15.08 8.81 -20.95
N LYS B 67 -14.54 9.71 -20.10
CA LYS B 67 -15.33 10.42 -19.10
C LYS B 67 -15.16 11.90 -19.38
N LEU B 68 -16.16 12.50 -20.05
CA LEU B 68 -16.18 13.91 -20.40
C LEU B 68 -16.90 14.68 -19.35
N SER B 69 -16.20 15.58 -18.70
CA SER B 69 -16.78 16.42 -17.64
C SER B 69 -17.12 17.80 -18.17
N PRO B 70 -18.38 18.28 -17.97
CA PRO B 70 -18.74 19.64 -18.42
C PRO B 70 -18.07 20.67 -17.53
N THR B 71 -17.64 21.81 -18.11
CA THR B 71 -16.99 22.87 -17.34
C THR B 71 -18.00 23.98 -16.96
N PHE B 72 -17.54 24.95 -16.18
CA PHE B 72 -18.34 26.11 -15.76
C PHE B 72 -19.02 26.80 -16.95
N THR B 73 -18.29 27.00 -18.08
CA THR B 73 -18.79 27.71 -19.27
C THR B 73 -19.80 26.89 -20.07
N ASN B 74 -19.95 25.57 -19.76
CA ASN B 74 -20.87 24.69 -20.47
C ASN B 74 -22.32 24.95 -20.06
N THR B 75 -23.19 25.35 -21.00
CA THR B 75 -24.61 25.59 -20.69
C THR B 75 -25.50 24.41 -21.23
N GLY B 76 -24.86 23.39 -21.76
CA GLY B 76 -25.45 22.13 -22.19
C GLY B 76 -26.13 22.00 -23.53
N HIS B 77 -26.63 23.12 -24.13
CA HIS B 77 -27.46 22.97 -25.32
C HIS B 77 -27.10 23.83 -26.56
N LYS B 78 -25.87 24.35 -26.65
CA LYS B 78 -25.41 25.15 -27.79
C LYS B 78 -24.25 24.45 -28.52
N VAL B 79 -23.24 24.00 -27.76
CA VAL B 79 -22.05 23.36 -28.30
C VAL B 79 -22.37 21.93 -28.76
N GLN B 80 -22.21 21.69 -30.05
CA GLN B 80 -22.48 20.38 -30.63
C GLN B 80 -21.26 19.92 -31.48
N GLY B 81 -21.34 18.69 -31.97
CA GLY B 81 -20.28 18.06 -32.74
C GLY B 81 -20.01 16.66 -32.24
N TRP B 82 -18.72 16.34 -32.01
CA TRP B 82 -18.33 15.00 -31.56
C TRP B 82 -16.99 15.00 -30.84
N VAL B 83 -16.80 14.02 -29.96
CA VAL B 83 -15.56 13.79 -29.22
C VAL B 83 -15.21 12.32 -29.36
N SER B 84 -13.94 12.05 -29.67
CA SER B 84 -13.41 10.72 -29.91
C SER B 84 -12.16 10.39 -29.13
N LEU B 85 -12.02 9.11 -28.75
CA LEU B 85 -10.81 8.46 -28.21
C LEU B 85 -10.38 7.50 -29.28
N VAL B 86 -9.25 7.78 -29.95
CA VAL B 86 -8.79 6.98 -31.07
C VAL B 86 -7.61 6.13 -30.65
N LEU B 87 -7.75 4.78 -30.74
CA LEU B 87 -6.68 3.84 -30.39
C LEU B 87 -5.68 3.82 -31.53
N GLN B 88 -4.44 4.24 -31.26
CA GLN B 88 -3.34 4.32 -32.23
C GLN B 88 -2.38 3.15 -32.01
N ALA B 89 -2.41 2.16 -32.90
CA ALA B 89 -1.60 0.94 -32.80
C ALA B 89 -0.42 0.93 -33.78
N LYS B 90 0.77 0.54 -33.27
CA LYS B 90 2.04 0.39 -33.98
C LYS B 90 2.57 -1.04 -33.78
N PRO B 91 2.48 -1.96 -34.76
CA PRO B 91 1.92 -1.79 -36.12
C PRO B 91 0.38 -1.79 -36.10
N GLN B 92 -0.21 -1.45 -37.22
CA GLN B 92 -1.64 -1.45 -37.44
C GLN B 92 -2.16 -2.88 -37.31
N VAL B 93 -3.32 -3.06 -36.69
CA VAL B 93 -3.88 -4.42 -36.63
C VAL B 93 -4.74 -4.60 -37.89
N ASP B 94 -4.99 -5.86 -38.34
CA ASP B 94 -5.76 -6.26 -39.54
C ASP B 94 -7.03 -5.39 -39.82
N ASP B 95 -7.65 -4.84 -38.75
CA ASP B 95 -8.87 -4.03 -38.82
C ASP B 95 -8.69 -2.62 -38.17
N PHE B 96 -7.42 -2.15 -37.96
CA PHE B 96 -7.14 -0.83 -37.39
C PHE B 96 -7.36 0.24 -38.48
N ASP B 97 -8.64 0.50 -38.62
CA ASP B 97 -9.34 1.46 -39.44
C ASP B 97 -10.54 1.79 -38.59
N ASN B 98 -10.59 3.04 -38.10
CA ASN B 98 -11.61 3.62 -37.21
C ASN B 98 -11.75 2.80 -35.88
N LEU B 99 -10.61 2.43 -35.26
CA LEU B 99 -10.57 1.83 -33.90
C LEU B 99 -10.74 3.01 -32.95
N ALA B 100 -12.00 3.38 -32.65
CA ALA B 100 -12.29 4.58 -31.86
C ALA B 100 -13.60 4.54 -31.09
N LEU B 101 -13.64 5.31 -30.00
CA LEU B 101 -14.80 5.51 -29.14
C LEU B 101 -15.25 6.92 -29.43
N THR B 102 -16.41 7.07 -30.09
CA THR B 102 -16.93 8.40 -30.45
C THR B 102 -18.23 8.70 -29.69
N VAL B 103 -18.35 9.95 -29.24
CA VAL B 103 -19.53 10.53 -28.57
C VAL B 103 -20.03 11.67 -29.46
N GLU B 104 -21.25 11.54 -29.93
CA GLU B 104 -21.87 12.55 -30.79
C GLU B 104 -22.69 13.47 -29.93
N LEU B 105 -22.49 14.79 -30.08
CA LEU B 105 -23.24 15.77 -29.31
C LEU B 105 -24.23 16.47 -30.24
N PHE B 106 -25.55 16.23 -30.06
CA PHE B 106 -26.69 16.77 -30.86
C PHE B 106 -27.69 17.46 -29.98
N PRO B 107 -28.37 18.54 -30.45
CA PRO B 107 -29.36 19.23 -29.59
C PRO B 107 -30.43 18.34 -28.96
N CYS B 108 -30.80 17.29 -29.68
CA CYS B 108 -31.75 16.26 -29.34
C CYS B 108 -31.48 15.66 -27.95
N SER B 109 -30.25 15.18 -27.73
CA SER B 109 -29.85 14.43 -26.56
C SER B 109 -28.74 15.12 -25.75
N MET B 110 -28.37 16.34 -26.13
CA MET B 110 -27.32 17.11 -25.43
C MET B 110 -27.77 17.53 -24.03
N GLU B 111 -26.88 17.43 -23.02
CA GLU B 111 -27.11 17.83 -21.61
C GLU B 111 -25.86 18.44 -20.98
N ASN B 112 -26.03 19.19 -19.89
CA ASN B 112 -24.94 19.80 -19.10
C ASN B 112 -24.57 18.78 -18.02
N LYS B 113 -24.11 17.62 -18.44
CA LYS B 113 -23.90 16.51 -17.54
C LYS B 113 -22.68 15.69 -18.00
N LEU B 114 -22.09 14.91 -17.08
CA LEU B 114 -20.95 14.04 -17.34
C LEU B 114 -21.33 13.01 -18.39
N VAL B 115 -20.43 12.79 -19.34
CA VAL B 115 -20.64 11.79 -20.38
C VAL B 115 -19.67 10.66 -20.08
N ASP B 116 -20.19 9.46 -19.82
CA ASP B 116 -19.35 8.32 -19.48
C ASP B 116 -19.64 7.20 -20.45
N ARG B 117 -18.75 7.01 -21.44
CA ARG B 117 -18.86 5.98 -22.49
C ARG B 117 -17.68 5.02 -22.46
N SER B 118 -17.93 3.73 -22.66
CA SER B 118 -16.93 2.68 -22.73
C SER B 118 -16.91 2.07 -24.13
N TRP B 119 -15.77 1.47 -24.50
CA TRP B 119 -15.52 0.82 -25.77
C TRP B 119 -14.59 -0.37 -25.54
N SER B 120 -14.73 -1.42 -26.35
CA SER B 120 -13.82 -2.57 -26.26
C SER B 120 -13.72 -3.27 -27.59
N GLN B 121 -12.58 -3.95 -27.80
CA GLN B 121 -12.33 -4.77 -28.96
C GLN B 121 -11.32 -5.84 -28.63
N LEU B 122 -11.54 -7.07 -29.14
CA LEU B 122 -10.60 -8.16 -29.01
C LEU B 122 -9.66 -8.04 -30.20
N LEU B 123 -8.37 -7.82 -29.93
CA LEU B 123 -7.37 -7.61 -30.99
C LEU B 123 -6.18 -8.54 -30.91
N LEU B 124 -5.70 -8.99 -32.08
CA LEU B 124 -4.48 -9.79 -32.16
C LEU B 124 -3.30 -8.83 -32.14
N LEU B 125 -2.51 -8.90 -31.08
CA LEU B 125 -1.33 -8.05 -30.90
C LEU B 125 -0.06 -8.90 -30.98
N LYS B 126 1.01 -8.26 -31.46
CA LYS B 126 2.35 -8.84 -31.67
C LYS B 126 3.25 -8.49 -30.50
N ALA B 127 4.40 -9.14 -30.43
CA ALA B 127 5.41 -8.87 -29.42
C ALA B 127 6.05 -7.51 -29.72
N GLY B 128 5.98 -6.61 -28.75
CA GLY B 128 6.51 -5.25 -28.88
C GLY B 128 5.49 -4.27 -29.41
N HIS B 129 4.21 -4.67 -29.41
CA HIS B 129 3.10 -3.84 -29.90
C HIS B 129 2.98 -2.58 -29.05
N ARG B 130 2.85 -1.44 -29.72
CA ARG B 130 2.78 -0.12 -29.09
C ARG B 130 1.40 0.45 -29.35
N LEU B 131 0.76 0.90 -28.27
CA LEU B 131 -0.59 1.43 -28.28
C LEU B 131 -0.64 2.79 -27.58
N SER B 132 -1.08 3.81 -28.28
CA SER B 132 -1.26 5.14 -27.73
C SER B 132 -2.72 5.55 -27.99
N VAL B 133 -3.21 6.60 -27.33
CA VAL B 133 -4.59 7.03 -27.49
C VAL B 133 -4.63 8.52 -27.83
N GLY B 134 -5.29 8.84 -28.92
CA GLY B 134 -5.46 10.22 -29.35
C GLY B 134 -6.84 10.75 -29.00
N LEU B 135 -6.86 11.95 -28.44
CA LEU B 135 -8.11 12.65 -28.21
C LEU B 135 -8.44 13.43 -29.50
N ARG B 136 -9.65 13.26 -30.05
CA ARG B 136 -10.13 13.99 -31.23
C ARG B 136 -11.45 14.68 -30.91
N ALA B 137 -11.65 15.90 -31.43
CA ALA B 137 -12.89 16.63 -31.19
C ALA B 137 -13.13 17.74 -32.23
N TYR B 138 -14.37 17.85 -32.67
CA TYR B 138 -14.88 18.92 -33.51
C TYR B 138 -16.09 19.49 -32.77
N LEU B 139 -15.92 20.68 -32.17
CA LEU B 139 -16.97 21.34 -31.40
C LEU B 139 -17.26 22.71 -31.97
N HIS B 140 -18.56 23.04 -32.08
CA HIS B 140 -19.04 24.32 -32.62
C HIS B 140 -20.44 24.68 -32.04
N GLY B 141 -20.86 25.95 -32.19
CA GLY B 141 -22.15 26.41 -31.70
C GLY B 141 -22.07 27.56 -30.72
N ALA B 142 -20.89 27.75 -30.10
CA ALA B 142 -20.58 28.83 -29.16
C ALA B 142 -19.10 29.21 -29.24
N GLN B 143 -18.78 30.47 -28.84
CA GLN B 143 -17.40 30.97 -28.77
C GLN B 143 -16.68 30.20 -27.68
N ASP B 144 -15.50 29.67 -28.03
CA ASP B 144 -14.61 28.86 -27.18
C ASP B 144 -15.26 27.51 -26.74
N ALA B 145 -15.88 26.82 -27.72
CA ALA B 145 -16.60 25.56 -27.57
C ALA B 145 -15.78 24.41 -26.94
N TYR B 146 -14.45 24.39 -27.19
CA TYR B 146 -13.53 23.35 -26.68
C TYR B 146 -13.26 23.53 -25.18
N ARG B 147 -13.57 24.70 -24.62
CA ARG B 147 -13.40 24.99 -23.20
C ARG B 147 -14.56 24.47 -22.36
N ASP B 148 -15.66 24.03 -23.01
CA ASP B 148 -16.88 23.57 -22.37
C ASP B 148 -16.81 22.12 -21.86
N TRP B 149 -15.74 21.39 -22.18
CA TRP B 149 -15.55 20.01 -21.72
C TRP B 149 -14.12 19.81 -21.30
N GLU B 150 -13.89 18.86 -20.38
CA GLU B 150 -12.55 18.57 -19.88
C GLU B 150 -12.44 17.10 -19.46
N LEU B 151 -11.19 16.64 -19.34
CA LEU B 151 -10.84 15.33 -18.83
C LEU B 151 -10.19 15.58 -17.51
N SER B 152 -10.88 15.28 -16.40
CA SER B 152 -10.33 15.55 -15.09
C SER B 152 -10.55 14.44 -14.07
N TYR B 153 -9.71 14.41 -13.06
CA TYR B 153 -9.84 13.55 -11.89
C TYR B 153 -10.91 14.21 -10.97
N PRO B 154 -11.87 13.50 -10.32
CA PRO B 154 -11.99 12.05 -10.14
C PRO B 154 -12.77 11.29 -11.22
N ASN B 155 -13.34 11.97 -12.23
CA ASN B 155 -14.02 11.28 -13.34
C ASN B 155 -12.97 11.01 -14.41
N THR B 156 -12.07 10.09 -14.11
CA THR B 156 -10.91 9.82 -14.93
C THR B 156 -11.15 8.83 -16.07
N THR B 157 -10.80 9.27 -17.28
CA THR B 157 -10.77 8.52 -18.52
C THR B 157 -9.68 7.42 -18.34
N SER B 158 -9.96 6.23 -18.85
CA SER B 158 -9.05 5.12 -18.70
C SER B 158 -8.83 4.38 -20.03
N PHE B 159 -7.71 3.69 -20.08
CA PHE B 159 -7.31 2.88 -21.20
C PHE B 159 -6.54 1.70 -20.63
N GLY B 160 -6.80 0.53 -21.20
CA GLY B 160 -6.10 -0.68 -20.80
C GLY B 160 -6.34 -1.86 -21.71
N LEU B 161 -5.87 -3.03 -21.28
CA LEU B 161 -5.98 -4.31 -21.99
C LEU B 161 -5.67 -5.44 -21.06
N PHE B 162 -5.99 -6.65 -21.52
CA PHE B 162 -5.68 -7.88 -20.85
C PHE B 162 -5.51 -9.02 -21.84
N LEU B 163 -4.53 -9.91 -21.58
CA LEU B 163 -4.28 -11.06 -22.42
C LEU B 163 -5.32 -12.13 -22.15
N VAL B 164 -6.09 -12.46 -23.19
CA VAL B 164 -7.20 -13.42 -23.21
C VAL B 164 -6.71 -14.79 -23.72
N LYS B 165 -5.88 -14.78 -24.74
CA LYS B 165 -5.38 -16.01 -25.34
C LYS B 165 -3.95 -15.81 -25.84
N PRO B 166 -2.93 -16.44 -25.21
CA PRO B 166 -1.55 -16.30 -25.70
C PRO B 166 -1.39 -16.89 -27.10
N ASP B 167 -0.41 -16.38 -27.83
CA ASP B 167 -0.17 -16.83 -29.19
C ASP B 167 0.27 -18.28 -29.25
N ASN B 168 -0.19 -18.94 -30.32
CA ASN B 168 0.16 -20.29 -30.69
C ASN B 168 1.10 -20.18 -31.88
N PRO B 169 2.37 -20.59 -31.72
CA PRO B 169 3.35 -20.39 -32.81
C PRO B 169 3.12 -21.24 -34.06
N TRP B 170 2.53 -22.43 -33.91
CA TRP B 170 2.29 -23.37 -35.01
C TRP B 170 1.45 -22.78 -36.13
N GLU B 171 0.44 -21.96 -35.76
CA GLU B 171 -0.57 -21.28 -36.58
C GLU B 171 0.03 -20.50 -37.74
N SER C 7 0.20 -1.48 40.19
CA SER C 7 1.03 -2.24 39.26
C SER C 7 1.64 -1.32 38.17
N PRO C 8 2.92 -1.56 37.75
CA PRO C 8 3.53 -0.70 36.71
C PRO C 8 2.81 -0.77 35.37
N VAL C 9 2.69 0.39 34.69
CA VAL C 9 2.04 0.47 33.38
C VAL C 9 3.12 0.17 32.36
N PHE C 10 3.04 -1.01 31.71
CA PHE C 10 4.02 -1.50 30.75
C PHE C 10 3.38 -2.39 29.70
N ALA C 11 3.91 -2.33 28.47
CA ALA C 11 3.51 -3.17 27.35
C ALA C 11 4.70 -3.47 26.45
N LYS C 12 4.76 -4.69 25.93
CA LYS C 12 5.79 -5.16 24.98
C LYS C 12 5.13 -6.12 24.03
N LEU C 13 4.74 -5.61 22.86
CA LEU C 13 4.10 -6.36 21.79
C LEU C 13 5.16 -6.93 20.87
N LEU C 14 4.89 -8.09 20.28
CA LEU C 14 5.81 -8.80 19.38
C LEU C 14 5.15 -8.89 18.02
N ALA C 15 5.89 -8.46 16.99
CA ALA C 15 5.35 -8.34 15.64
C ALA C 15 4.99 -9.67 15.03
N LYS C 16 3.80 -9.72 14.38
CA LYS C 16 3.37 -10.88 13.61
C LYS C 16 4.33 -11.01 12.42
N ASN C 17 4.52 -12.22 11.92
CA ASN C 17 5.47 -12.47 10.84
C ASN C 17 5.14 -11.67 9.57
N GLN C 18 6.20 -11.27 8.87
CA GLN C 18 6.20 -10.53 7.63
C GLN C 18 7.27 -11.16 6.73
N ALA C 19 6.84 -12.02 5.79
CA ALA C 19 7.69 -12.84 4.89
C ALA C 19 8.61 -12.03 3.98
N SER C 20 8.23 -10.80 3.67
CA SER C 20 8.98 -9.88 2.81
C SER C 20 8.68 -8.46 3.26
N LEU C 21 9.46 -7.46 2.80
CA LEU C 21 9.26 -6.10 3.25
C LEU C 21 8.40 -5.31 2.29
N CYS C 22 7.53 -4.46 2.86
CA CYS C 22 6.63 -3.58 2.13
C CYS C 22 6.20 -2.43 3.06
N ASN C 23 5.57 -1.40 2.48
CA ASN C 23 5.06 -0.25 3.23
C ASN C 23 3.66 -0.60 3.71
N THR C 24 3.52 -0.85 5.03
CA THR C 24 2.28 -1.28 5.68
C THR C 24 2.29 -0.97 7.19
N THR C 25 1.11 -1.07 7.83
CA THR C 25 1.04 -0.95 9.29
C THR C 25 1.23 -2.36 9.85
N LEU C 26 2.16 -2.50 10.77
CA LEU C 26 2.43 -3.80 11.35
C LEU C 26 1.32 -4.29 12.27
N ASN C 27 1.10 -5.62 12.24
CA ASN C 27 0.20 -6.34 13.11
C ASN C 27 1.02 -6.82 14.31
N TRP C 28 0.39 -6.89 15.47
CA TRP C 28 1.08 -7.27 16.70
C TRP C 28 0.38 -8.40 17.43
N HIS C 29 1.18 -9.31 18.00
CA HIS C 29 0.72 -10.31 18.95
C HIS C 29 0.61 -9.54 20.27
N SER C 30 -0.59 -9.50 20.87
CA SER C 30 -0.77 -8.93 22.22
C SER C 30 -1.07 -10.16 23.11
N GLN C 31 -1.51 -11.22 22.40
CA GLN C 31 -1.87 -12.58 22.82
C GLN C 31 -0.66 -13.31 23.47
N ASP C 32 -0.96 -14.25 24.39
CA ASP C 32 0.03 -15.10 25.09
C ASP C 32 0.64 -16.11 24.12
N GLY C 33 1.97 -16.25 24.17
CA GLY C 33 2.70 -17.15 23.29
C GLY C 33 4.10 -17.52 23.75
N ALA C 34 4.87 -18.19 22.85
CA ALA C 34 6.24 -18.67 23.07
C ALA C 34 7.22 -17.53 23.34
N GLY C 35 6.88 -16.33 22.85
CA GLY C 35 7.62 -15.10 23.10
C GLY C 35 7.00 -14.36 24.27
N SER C 36 7.81 -13.52 24.96
CA SER C 36 7.37 -12.76 26.13
C SER C 36 6.58 -11.47 25.74
N SER C 37 5.22 -11.62 25.69
CA SER C 37 4.26 -10.56 25.36
CA SER C 37 4.30 -10.52 25.38
C SER C 37 3.71 -9.94 26.67
N TYR C 38 3.69 -8.58 26.76
CA TYR C 38 3.22 -7.85 27.93
C TYR C 38 2.17 -6.80 27.58
N LEU C 39 1.13 -6.70 28.40
CA LEU C 39 0.07 -5.71 28.32
C LEU C 39 -0.57 -5.59 29.71
N SER C 40 -0.16 -4.57 30.45
CA SER C 40 -0.64 -4.36 31.80
C SER C 40 -1.97 -3.65 31.77
N GLN C 41 -2.53 -3.37 32.96
CA GLN C 41 -3.74 -2.58 33.12
C GLN C 41 -3.43 -1.16 32.59
N GLY C 42 -4.45 -0.42 32.22
CA GLY C 42 -4.27 0.93 31.70
C GLY C 42 -3.68 0.98 30.31
N LEU C 43 -3.67 -0.19 29.60
CA LEU C 43 -3.19 -0.33 28.22
C LEU C 43 -4.01 -1.37 27.47
N ARG C 44 -4.40 -1.06 26.24
CA ARG C 44 -5.17 -1.99 25.40
C ARG C 44 -4.55 -2.10 24.02
N TYR C 45 -4.77 -3.23 23.35
CA TYR C 45 -4.35 -3.38 21.96
C TYR C 45 -5.57 -3.73 21.10
N GLU C 46 -5.79 -2.94 20.02
CA GLU C 46 -6.90 -3.09 19.09
C GLU C 46 -6.41 -3.70 17.78
N GLU C 47 -6.80 -4.96 17.52
CA GLU C 47 -6.39 -5.75 16.35
C GLU C 47 -6.78 -5.10 15.00
N ASP C 48 -8.02 -4.59 14.92
CA ASP C 48 -8.61 -3.95 13.74
C ASP C 48 -7.84 -2.68 13.30
N LYS C 49 -7.56 -1.79 14.27
CA LYS C 49 -6.85 -0.53 14.03
C LYS C 49 -5.32 -0.71 14.06
N LYS C 50 -4.85 -1.86 14.60
CA LYS C 50 -3.44 -2.25 14.80
C LYS C 50 -2.77 -1.21 15.73
N GLU C 51 -3.58 -0.67 16.69
CA GLU C 51 -3.16 0.37 17.61
C GLU C 51 -3.15 -0.01 19.08
N LEU C 52 -2.12 0.48 19.75
CA LEU C 52 -1.93 0.40 21.19
C LEU C 52 -2.62 1.65 21.75
N VAL C 53 -3.62 1.46 22.62
CA VAL C 53 -4.43 2.52 23.21
C VAL C 53 -3.96 2.76 24.67
N VAL C 54 -3.49 3.99 24.93
CA VAL C 54 -2.99 4.47 26.21
C VAL C 54 -4.16 5.09 27.00
N ASP C 55 -4.42 4.56 28.19
CA ASP C 55 -5.53 4.97 29.04
C ASP C 55 -5.32 6.32 29.74
N SER C 56 -4.24 6.46 30.51
CA SER C 56 -4.03 7.67 31.31
C SER C 56 -2.86 8.56 30.78
N PRO C 57 -2.96 9.91 30.93
CA PRO C 57 -1.89 10.78 30.43
C PRO C 57 -0.64 10.78 31.33
N GLY C 58 0.48 11.08 30.69
CA GLY C 58 1.77 11.17 31.36
C GLY C 58 2.96 11.05 30.43
N LEU C 59 4.15 10.95 31.02
CA LEU C 59 5.41 10.81 30.30
C LEU C 59 5.69 9.32 30.16
N TYR C 60 5.69 8.83 28.91
CA TYR C 60 5.93 7.43 28.62
C TYR C 60 7.25 7.23 27.92
N TYR C 61 7.96 6.15 28.29
CA TYR C 61 9.16 5.74 27.60
C TYR C 61 8.67 4.82 26.50
N VAL C 62 8.73 5.25 25.24
CA VAL C 62 8.24 4.45 24.11
C VAL C 62 9.44 3.84 23.43
N PHE C 63 9.36 2.55 23.09
CA PHE C 63 10.48 1.83 22.48
C PHE C 63 10.03 1.01 21.29
N LEU C 64 10.96 0.86 20.34
CA LEU C 64 10.90 0.10 19.11
C LEU C 64 12.17 -0.69 18.97
N GLU C 65 12.04 -1.96 18.57
CA GLU C 65 13.20 -2.80 18.32
C GLU C 65 12.98 -3.57 17.04
N LEU C 66 13.73 -3.21 16.00
CA LEU C 66 13.67 -3.82 14.69
C LEU C 66 14.64 -4.97 14.61
N LYS C 67 14.12 -6.14 14.24
CA LYS C 67 14.95 -7.32 14.01
C LYS C 67 14.69 -7.78 12.59
N LEU C 68 15.61 -7.42 11.68
CA LEU C 68 15.55 -7.76 10.26
C LEU C 68 16.31 -9.02 10.04
N SER C 69 15.61 -10.04 9.57
CA SER C 69 16.23 -11.34 9.29
C SER C 69 16.49 -11.49 7.80
N PRO C 70 17.73 -11.84 7.39
CA PRO C 70 18.00 -12.06 5.96
C PRO C 70 17.38 -13.35 5.49
N THR C 71 16.87 -13.38 4.24
CA THR C 71 16.23 -14.59 3.70
C THR C 71 17.23 -15.39 2.85
N PHE C 72 16.79 -16.57 2.38
CA PHE C 72 17.56 -17.45 1.51
C PHE C 72 18.14 -16.70 0.29
N THR C 73 17.34 -15.82 -0.35
CA THR C 73 17.72 -15.09 -1.58
C THR C 73 18.72 -13.97 -1.30
N ASN C 74 18.93 -13.63 0.00
CA ASN C 74 19.84 -12.55 0.38
C ASN C 74 21.30 -12.99 0.29
N THR C 75 22.09 -12.29 -0.53
CA THR C 75 23.54 -12.55 -0.75
C THR C 75 24.42 -11.50 0.01
N GLY C 76 23.76 -10.56 0.67
CA GLY C 76 24.34 -9.56 1.55
C GLY C 76 24.94 -8.29 1.00
N HIS C 77 25.36 -8.27 -0.28
CA HIS C 77 26.12 -7.12 -0.79
C HIS C 77 25.61 -6.47 -2.09
N LYS C 78 24.35 -6.72 -2.50
CA LYS C 78 23.77 -6.09 -3.71
C LYS C 78 22.60 -5.15 -3.34
N VAL C 79 21.67 -5.66 -2.51
CA VAL C 79 20.46 -4.95 -2.11
C VAL C 79 20.81 -3.86 -1.08
N GLN C 80 20.61 -2.59 -1.46
CA GLN C 80 20.90 -1.47 -0.58
C GLN C 80 19.65 -0.56 -0.46
N GLY C 81 19.75 0.47 0.38
CA GLY C 81 18.64 1.36 0.65
C GLY C 81 18.45 1.57 2.13
N TRP C 82 17.20 1.44 2.61
CA TRP C 82 16.88 1.67 4.03
C TRP C 82 15.59 0.97 4.46
N VAL C 83 15.49 0.73 5.78
CA VAL C 83 14.32 0.10 6.42
C VAL C 83 14.00 0.90 7.70
N SER C 84 12.72 1.31 7.84
CA SER C 84 12.23 2.08 8.96
C SER C 84 11.08 1.44 9.66
N LEU C 85 11.01 1.69 10.99
CA LEU C 85 9.88 1.44 11.87
C LEU C 85 9.42 2.82 12.25
N VAL C 86 8.24 3.22 11.76
CA VAL C 86 7.73 4.58 11.98
C VAL C 86 6.63 4.55 13.01
N LEU C 87 6.82 5.26 14.14
CA LEU C 87 5.82 5.35 15.21
C LEU C 87 4.76 6.32 14.77
N GLN C 88 3.53 5.83 14.60
CA GLN C 88 2.36 6.63 14.18
C GLN C 88 1.51 6.96 15.40
N ALA C 89 1.40 8.24 15.76
CA ALA C 89 0.65 8.65 16.95
C ALA C 89 -0.61 9.47 16.61
N LYS C 90 -1.73 9.13 17.27
CA LYS C 90 -3.04 9.80 17.18
C LYS C 90 -3.44 10.27 18.58
N PRO C 91 -3.36 11.57 18.93
CA PRO C 91 -2.92 12.71 18.11
C PRO C 91 -1.40 12.75 17.97
N GLN C 92 -0.91 13.62 17.12
CA GLN C 92 0.49 13.88 16.93
C GLN C 92 1.10 14.38 18.24
N VAL C 93 2.30 13.90 18.58
CA VAL C 93 3.02 14.38 19.76
C VAL C 93 3.94 15.51 19.26
N ASP C 94 4.02 16.66 19.97
CA ASP C 94 4.88 17.83 19.63
C ASP C 94 5.62 17.67 18.27
N ASP C 95 6.78 17.01 18.32
CA ASP C 95 7.54 16.73 17.07
C ASP C 95 7.19 15.30 16.66
N PHE C 96 6.52 15.14 15.52
CA PHE C 96 6.21 13.77 15.05
C PHE C 96 6.33 13.71 13.53
N ASP C 97 7.55 13.87 13.04
CA ASP C 97 7.85 13.69 11.60
C ASP C 97 9.05 12.75 11.49
N ASN C 98 9.82 12.66 12.57
CA ASN C 98 11.03 11.81 12.62
C ASN C 98 10.89 10.75 13.70
N LEU C 99 9.69 10.53 14.25
CA LEU C 99 9.60 9.45 15.27
C LEU C 99 9.74 8.11 14.56
N ALA C 100 10.99 7.71 14.26
CA ALA C 100 11.27 6.49 13.52
C ALA C 100 12.65 5.92 13.83
N LEU C 101 12.75 4.59 13.69
CA LEU C 101 13.98 3.80 13.80
C LEU C 101 14.36 3.43 12.37
N THR C 102 15.43 4.02 11.83
CA THR C 102 15.86 3.76 10.46
C THR C 102 17.21 3.01 10.43
N VAL C 103 17.29 2.00 9.55
CA VAL C 103 18.46 1.19 9.25
C VAL C 103 18.86 1.47 7.81
N GLU C 104 20.05 1.98 7.62
CA GLU C 104 20.58 2.29 6.28
C GLU C 104 21.43 1.13 5.80
N LEU C 105 21.17 0.65 4.59
CA LEU C 105 21.94 -0.44 4.02
C LEU C 105 22.84 0.10 2.92
N PHE C 106 24.18 0.12 3.15
CA PHE C 106 25.22 0.61 2.22
C PHE C 106 26.24 -0.46 1.95
N PRO C 107 26.83 -0.55 0.74
CA PRO C 107 27.84 -1.60 0.47
C PRO C 107 28.98 -1.72 1.48
N CYS C 108 29.39 -0.59 2.04
CA CYS C 108 30.43 -0.40 3.02
C CYS C 108 30.25 -1.28 4.26
N SER C 109 29.05 -1.26 4.85
CA SER C 109 28.76 -1.96 6.09
C SER C 109 27.71 -3.06 5.92
N MET C 110 27.23 -3.29 4.68
CA MET C 110 26.22 -4.33 4.38
C MET C 110 26.75 -5.74 4.64
N GLU C 111 25.92 -6.62 5.25
CA GLU C 111 26.24 -8.05 5.51
C GLU C 111 25.02 -8.94 5.36
N ASN C 112 25.26 -10.24 5.29
CA ASN C 112 24.19 -11.24 5.20
C ASN C 112 23.94 -11.79 6.62
N LYS C 113 23.53 -10.94 7.56
CA LYS C 113 23.21 -11.35 8.92
C LYS C 113 22.09 -10.52 9.53
N LEU C 114 21.50 -11.01 10.63
CA LEU C 114 20.41 -10.35 11.34
C LEU C 114 20.81 -8.93 11.70
N VAL C 115 19.90 -8.00 11.47
CA VAL C 115 20.08 -6.60 11.85
C VAL C 115 19.19 -6.40 13.06
N ASP C 116 19.77 -6.05 14.21
CA ASP C 116 19.02 -5.86 15.44
C ASP C 116 19.29 -4.46 15.97
N ARG C 117 18.34 -3.55 15.75
CA ARG C 117 18.44 -2.15 16.18
CA ARG C 117 18.45 -2.16 16.19
C ARG C 117 17.28 -1.77 17.11
N SER C 118 17.57 -0.98 18.14
CA SER C 118 16.60 -0.48 19.11
C SER C 118 16.52 1.04 19.00
N TRP C 119 15.38 1.59 19.44
CA TRP C 119 15.07 3.01 19.45
C TRP C 119 14.20 3.31 20.66
N SER C 120 14.34 4.51 21.22
CA SER C 120 13.48 4.94 22.32
C SER C 120 13.33 6.44 22.36
N GLN C 121 12.21 6.90 22.93
CA GLN C 121 11.94 8.30 23.14
C GLN C 121 10.96 8.45 24.30
N LEU C 122 11.21 9.47 25.14
CA LEU C 122 10.31 9.84 26.22
C LEU C 122 9.30 10.80 25.63
N LEU C 123 8.01 10.41 25.64
CA LEU C 123 6.95 11.21 25.03
C LEU C 123 5.80 11.54 25.98
N LEU C 124 5.27 12.75 25.87
CA LEU C 124 4.08 13.17 26.61
C LEU C 124 2.85 12.66 25.85
N LEU C 125 2.15 11.71 26.44
CA LEU C 125 0.95 11.12 25.85
C LEU C 125 -0.30 11.54 26.64
N LYS C 126 -1.42 11.62 25.92
CA LYS C 126 -2.74 12.04 26.42
C LYS C 126 -3.58 10.82 26.70
N ALA C 127 -4.71 11.02 27.39
CA ALA C 127 -5.67 9.96 27.70
C ALA C 127 -6.37 9.56 26.40
N GLY C 128 -6.27 8.29 26.05
CA GLY C 128 -6.86 7.75 24.83
C GLY C 128 -5.91 7.80 23.65
N HIS C 129 -4.60 8.02 23.92
CA HIS C 129 -3.57 8.12 22.88
C HIS C 129 -3.45 6.78 22.14
N ARG C 130 -3.45 6.85 20.81
CA ARG C 130 -3.38 5.68 19.94
C ARG C 130 -2.04 5.69 19.22
N LEU C 131 -1.35 4.54 19.27
CA LEU C 131 -0.02 4.36 18.71
C LEU C 131 0.00 3.12 17.83
N SER C 132 0.36 3.29 16.57
CA SER C 132 0.51 2.19 15.63
C SER C 132 1.94 2.28 15.06
N VAL C 133 2.42 1.22 14.40
CA VAL C 133 3.78 1.21 13.86
C VAL C 133 3.75 0.81 12.40
N GLY C 134 4.32 1.66 11.57
CA GLY C 134 4.41 1.39 10.15
C GLY C 134 5.79 0.91 9.74
N LEU C 135 5.81 -0.13 8.93
CA LEU C 135 7.03 -0.62 8.34
C LEU C 135 7.24 0.18 7.02
N ARG C 136 8.42 0.80 6.84
CA ARG C 136 8.78 1.53 5.61
C ARG C 136 10.08 0.96 5.06
N ALA C 137 10.19 0.86 3.72
CA ALA C 137 11.40 0.34 3.09
C ALA C 137 11.56 0.82 1.65
N TYR C 138 12.79 1.15 1.27
CA TYR C 138 13.17 1.43 -0.09
C TYR C 138 14.42 0.59 -0.33
N LEU C 139 14.26 -0.55 -1.05
CA LEU C 139 15.33 -1.49 -1.36
C LEU C 139 15.48 -1.65 -2.87
N HIS C 140 16.74 -1.63 -3.33
CA HIS C 140 17.12 -1.72 -4.75
C HIS C 140 18.54 -2.32 -4.89
N GLY C 141 18.91 -2.74 -6.10
CA GLY C 141 20.21 -3.34 -6.38
C GLY C 141 20.14 -4.75 -6.96
N ALA C 142 19.00 -5.43 -6.76
CA ALA C 142 18.71 -6.78 -7.26
C ALA C 142 17.20 -6.90 -7.59
N GLN C 143 16.84 -7.84 -8.49
CA GLN C 143 15.48 -8.05 -9.04
C GLN C 143 14.31 -8.07 -7.99
N ASP C 144 14.31 -8.95 -6.98
CA ASP C 144 13.21 -8.95 -6.01
C ASP C 144 13.76 -8.57 -4.63
N ALA C 145 14.32 -7.33 -4.55
CA ALA C 145 15.03 -6.75 -3.40
C ALA C 145 14.30 -6.88 -2.05
N TYR C 146 12.96 -6.74 -2.05
CA TYR C 146 12.13 -6.74 -0.83
C TYR C 146 11.94 -8.15 -0.27
N ARG C 147 12.26 -9.18 -1.07
CA ARG C 147 12.17 -10.59 -0.66
C ARG C 147 13.43 -11.02 0.12
N ASP C 148 14.49 -10.18 0.14
CA ASP C 148 15.76 -10.48 0.77
C ASP C 148 15.77 -10.24 2.29
N TRP C 149 14.70 -9.67 2.85
CA TRP C 149 14.59 -9.46 4.30
C TRP C 149 13.20 -9.79 4.76
N GLU C 150 13.07 -10.17 6.04
CA GLU C 150 11.79 -10.53 6.63
C GLU C 150 11.77 -10.22 8.12
N LEU C 151 10.55 -10.17 8.68
CA LEU C 151 10.31 -10.04 10.10
C LEU C 151 9.74 -11.35 10.52
N SER C 152 10.51 -12.15 11.25
CA SER C 152 10.03 -13.47 11.65
C SER C 152 10.37 -13.84 13.09
N TYR C 153 9.58 -14.77 13.65
CA TYR C 153 9.82 -15.38 14.94
C TYR C 153 10.93 -16.46 14.69
N PRO C 154 11.95 -16.68 15.57
CA PRO C 154 12.15 -16.15 16.93
C PRO C 154 12.88 -14.82 17.06
N ASN C 155 13.41 -14.23 15.98
CA ASN C 155 14.05 -12.93 16.12
C ASN C 155 12.97 -11.87 15.87
N THR C 156 12.07 -11.74 16.85
CA THR C 156 10.87 -10.92 16.77
C THR C 156 11.07 -9.44 17.12
N THR C 157 10.60 -8.59 16.20
CA THR C 157 10.52 -7.15 16.28
C THR C 157 9.49 -6.85 17.41
N SER C 158 9.76 -5.82 18.19
CA SER C 158 8.90 -5.47 19.31
C SER C 158 8.62 -3.98 19.35
N PHE C 159 7.53 -3.65 20.02
CA PHE C 159 7.10 -2.29 20.26
C PHE C 159 6.43 -2.28 21.61
N GLY C 160 6.68 -1.22 22.36
CA GLY C 160 6.07 -1.05 23.66
C GLY C 160 6.27 0.30 24.31
N LEU C 161 5.86 0.39 25.58
CA LEU C 161 6.00 1.62 26.37
C LEU C 161 5.80 1.34 27.83
N PHE C 162 6.15 2.32 28.64
CA PHE C 162 5.93 2.29 30.08
C PHE C 162 5.74 3.70 30.63
N LEU C 163 4.81 3.85 31.59
CA LEU C 163 4.53 5.12 32.23
C LEU C 163 5.64 5.43 33.23
N VAL C 164 6.34 6.53 33.00
CA VAL C 164 7.49 7.03 33.76
C VAL C 164 7.03 8.09 34.77
N LYS C 165 6.14 8.98 34.34
CA LYS C 165 5.66 10.05 35.19
C LYS C 165 4.18 10.33 34.86
N PRO C 166 3.24 10.04 35.79
CA PRO C 166 1.81 10.37 35.53
C PRO C 166 1.60 11.87 35.42
N ASP C 167 0.56 12.25 34.69
CA ASP C 167 0.23 13.65 34.48
C ASP C 167 -0.14 14.35 35.76
N ASN C 168 0.27 15.61 35.83
CA ASN C 168 -0.05 16.55 36.87
C ASN C 168 -1.08 17.49 36.28
N PRO C 169 -2.30 17.54 36.84
CA PRO C 169 -3.35 18.35 36.21
C PRO C 169 -3.21 19.86 36.37
N TRP C 170 -2.45 20.33 37.37
CA TRP C 170 -2.24 21.76 37.67
C TRP C 170 -1.60 22.49 36.49
N GLU C 171 -0.74 21.78 35.70
CA GLU C 171 -0.05 22.22 34.45
C GLU C 171 0.89 21.11 33.95
N SER D 7 4.42 5.49 42.82
CA SER D 7 5.23 6.22 41.83
C SER D 7 6.11 5.25 41.02
N PRO D 8 6.30 5.47 39.69
CA PRO D 8 7.11 4.52 38.91
C PRO D 8 8.58 4.51 39.32
N VAL D 9 9.20 3.34 39.34
CA VAL D 9 10.62 3.18 39.65
C VAL D 9 11.33 3.29 38.31
N PHE D 10 12.05 4.39 38.09
CA PHE D 10 12.71 4.70 36.83
C PHE D 10 13.97 5.54 37.07
N ALA D 11 14.98 5.34 36.21
CA ALA D 11 16.22 6.11 36.23
C ALA D 11 16.73 6.27 34.82
N LYS D 12 17.27 7.47 34.50
CA LYS D 12 17.92 7.76 33.23
C LYS D 12 19.08 8.67 33.51
N LEU D 13 20.26 8.08 33.63
CA LEU D 13 21.51 8.76 33.90
C LEU D 13 22.18 9.10 32.61
N LEU D 14 22.94 10.19 32.62
CA LEU D 14 23.62 10.69 31.46
C LEU D 14 25.12 10.63 31.70
N ALA D 15 25.87 10.08 30.74
CA ALA D 15 27.32 9.88 30.86
C ALA D 15 28.09 11.17 30.96
N LYS D 16 29.06 11.20 31.89
CA LYS D 16 30.01 12.30 32.00
C LYS D 16 30.88 12.29 30.72
N ASN D 17 31.42 13.44 30.33
CA ASN D 17 32.20 13.55 29.10
C ASN D 17 33.44 12.65 29.10
N GLN D 18 33.78 12.16 27.92
CA GLN D 18 34.90 11.29 27.61
C GLN D 18 35.48 11.78 26.27
N ALA D 19 36.60 12.54 26.34
CA ALA D 19 37.24 13.20 25.18
C ALA D 19 37.75 12.26 24.10
N SER D 20 38.05 11.02 24.45
CA SER D 20 38.54 9.98 23.55
C SER D 20 38.06 8.63 24.06
N LEU D 21 38.18 7.58 23.24
CA LEU D 21 37.70 6.27 23.66
C LEU D 21 38.80 5.41 24.25
N CYS D 22 38.48 4.72 25.34
CA CYS D 22 39.38 3.81 26.05
C CYS D 22 38.55 2.81 26.84
N ASN D 23 39.20 1.75 27.36
CA ASN D 23 38.57 0.71 28.16
C ASN D 23 38.56 1.18 29.62
N THR D 24 37.38 1.59 30.11
CA THR D 24 37.16 2.14 31.46
C THR D 24 35.71 1.97 31.93
N THR D 25 35.46 2.19 33.23
CA THR D 25 34.08 2.18 33.74
C THR D 25 33.59 3.61 33.63
N LEU D 26 32.45 3.79 32.99
CA LEU D 26 31.90 5.12 32.78
C LEU D 26 31.38 5.74 34.06
N ASN D 27 31.56 7.06 34.15
CA ASN D 27 31.04 7.92 35.21
C ASN D 27 29.72 8.45 34.72
N TRP D 28 28.78 8.65 35.64
CA TRP D 28 27.45 9.11 35.25
C TRP D 28 26.98 10.25 36.09
N HIS D 29 26.29 11.21 35.44
CA HIS D 29 25.59 12.31 36.11
C HIS D 29 24.29 11.70 36.66
N SER D 30 24.01 11.87 37.99
CA SER D 30 22.80 11.35 38.65
C SER D 30 21.75 12.46 38.87
N GLN D 31 22.10 13.69 38.47
CA GLN D 31 21.27 14.88 38.51
C GLN D 31 21.76 15.86 37.45
N ASP D 32 20.82 16.66 36.92
CA ASP D 32 21.12 17.66 35.90
C ASP D 32 21.78 18.86 36.56
N GLY D 33 22.24 19.82 35.73
CA GLY D 33 22.91 21.04 36.19
C GLY D 33 22.16 21.89 37.20
N ALA D 34 20.85 21.64 37.40
CA ALA D 34 20.03 22.38 38.36
C ALA D 34 19.85 21.57 39.66
N GLY D 35 20.38 20.36 39.70
CA GLY D 35 20.25 19.47 40.86
C GLY D 35 19.01 18.61 40.82
N SER D 36 18.26 18.60 39.69
CA SER D 36 17.09 17.76 39.55
C SER D 36 17.54 16.33 39.32
N SER D 37 17.25 15.44 40.28
CA SER D 37 17.63 14.02 40.26
C SER D 37 17.10 13.27 39.05
N TYR D 38 17.96 12.44 38.43
CA TYR D 38 17.67 11.57 37.29
C TYR D 38 17.10 10.22 37.78
N LEU D 39 17.01 10.04 39.10
CA LEU D 39 16.54 8.82 39.76
C LEU D 39 15.26 9.03 40.55
N SER D 40 14.36 8.05 40.49
CA SER D 40 13.15 8.04 41.30
C SER D 40 13.51 7.41 42.63
N GLN D 41 12.50 7.27 43.51
CA GLN D 41 12.63 6.58 44.79
C GLN D 41 12.88 5.07 44.54
N GLY D 42 13.65 4.45 45.43
CA GLY D 42 13.98 3.04 45.28
C GLY D 42 15.16 2.80 44.35
N LEU D 43 15.96 3.85 44.12
CA LEU D 43 17.13 3.84 43.27
C LEU D 43 18.17 4.83 43.78
N ARG D 44 19.45 4.43 43.72
CA ARG D 44 20.58 5.27 44.14
C ARG D 44 21.71 5.16 43.15
N TYR D 45 22.57 6.18 43.09
CA TYR D 45 23.77 6.09 42.25
C TYR D 45 24.98 6.37 43.15
N GLU D 46 25.98 5.45 43.16
CA GLU D 46 27.20 5.56 43.99
C GLU D 46 28.35 6.04 43.12
N GLU D 47 28.73 7.33 43.26
CA GLU D 47 29.77 8.02 42.48
C GLU D 47 31.14 7.31 42.53
N ASP D 48 31.53 6.84 43.73
CA ASP D 48 32.79 6.15 44.01
C ASP D 48 32.88 4.81 43.25
N LYS D 49 31.82 4.00 43.32
CA LYS D 49 31.75 2.69 42.67
C LYS D 49 31.28 2.79 41.20
N LYS D 50 30.72 3.96 40.80
CA LYS D 50 30.17 4.29 39.48
C LYS D 50 28.97 3.32 39.17
N GLU D 51 28.25 2.94 40.24
CA GLU D 51 27.16 1.99 40.17
C GLU D 51 25.79 2.53 40.52
N LEU D 52 24.79 2.03 39.79
CA LEU D 52 23.38 2.24 40.01
C LEU D 52 22.95 1.12 40.94
N VAL D 53 22.41 1.47 42.12
CA VAL D 53 22.00 0.52 43.17
C VAL D 53 20.47 0.40 43.17
N VAL D 54 20.00 -0.81 42.91
CA VAL D 54 18.59 -1.18 42.85
C VAL D 54 18.13 -1.62 44.26
N ASP D 55 17.10 -0.97 44.78
CA ASP D 55 16.56 -1.19 46.13
C ASP D 55 15.75 -2.49 46.25
N SER D 56 14.69 -2.65 45.44
CA SER D 56 13.77 -3.78 45.56
C SER D 56 13.90 -4.79 44.40
N PRO D 57 13.68 -6.11 44.68
CA PRO D 57 13.80 -7.10 43.60
C PRO D 57 12.62 -7.09 42.65
N GLY D 58 12.88 -7.54 41.43
CA GLY D 58 11.86 -7.66 40.40
C GLY D 58 12.41 -7.70 39.01
N LEU D 59 11.51 -7.64 38.02
CA LEU D 59 11.85 -7.64 36.61
C LEU D 59 12.04 -6.20 36.16
N TYR D 60 13.27 -5.85 35.76
CA TYR D 60 13.59 -4.49 35.30
C TYR D 60 13.89 -4.48 33.81
N TYR D 61 13.43 -3.44 33.16
CA TYR D 61 13.75 -3.17 31.75
C TYR D 61 14.99 -2.30 31.81
N VAL D 62 16.16 -2.87 31.48
CA VAL D 62 17.42 -2.12 31.56
C VAL D 62 17.77 -1.66 30.16
N PHE D 63 18.20 -0.40 30.02
CA PHE D 63 18.52 0.17 28.72
C PHE D 63 19.85 0.91 28.75
N LEU D 64 20.50 0.90 27.56
CA LEU D 64 21.76 1.56 27.24
C LEU D 64 21.61 2.24 25.92
N GLU D 65 22.09 3.46 25.83
CA GLU D 65 22.05 4.21 24.58
C GLU D 65 23.41 4.89 24.37
N LEU D 66 24.17 4.41 23.39
CA LEU D 66 25.47 4.93 23.04
C LEU D 66 25.33 6.01 22.00
N LYS D 67 25.93 7.17 22.28
CA LYS D 67 25.97 8.28 21.34
C LYS D 67 27.45 8.63 21.11
N LEU D 68 28.01 8.15 19.97
CA LEU D 68 29.41 8.43 19.60
C LEU D 68 29.43 9.63 18.73
N SER D 69 30.17 10.64 19.17
CA SER D 69 30.34 11.87 18.43
C SER D 69 31.69 11.88 17.74
N PRO D 70 31.73 12.13 16.41
CA PRO D 70 33.04 12.18 15.72
C PRO D 70 33.79 13.45 16.10
N THR D 71 35.12 13.37 16.19
CA THR D 71 35.94 14.52 16.55
C THR D 71 36.54 15.16 15.31
N PHE D 72 37.25 16.29 15.48
CA PHE D 72 37.91 17.01 14.40
C PHE D 72 38.83 16.08 13.55
N THR D 73 39.58 15.19 14.23
CA THR D 73 40.55 14.27 13.58
C THR D 73 39.84 13.10 12.87
N ASN D 74 38.49 13.00 13.01
CA ASN D 74 37.71 11.95 12.37
C ASN D 74 37.53 12.30 10.90
N THR D 75 38.37 11.69 10.06
CA THR D 75 38.35 11.85 8.59
C THR D 75 38.63 10.49 7.90
N GLY D 76 38.29 10.43 6.62
CA GLY D 76 38.51 9.26 5.78
C GLY D 76 37.68 8.04 6.09
N HIS D 77 38.06 6.93 5.48
CA HIS D 77 37.42 5.61 5.61
C HIS D 77 38.47 4.58 6.02
N LYS D 78 39.31 4.91 7.01
CA LYS D 78 40.40 4.01 7.43
C LYS D 78 40.18 3.42 8.83
N VAL D 79 39.62 4.20 9.78
CA VAL D 79 39.44 3.72 11.16
C VAL D 79 38.27 2.75 11.22
N GLN D 80 38.55 1.53 11.66
CA GLN D 80 37.53 0.51 11.83
C GLN D 80 37.73 -0.22 13.18
N GLY D 81 36.79 -1.07 13.52
CA GLY D 81 36.78 -1.85 14.74
C GLY D 81 35.39 -1.90 15.36
N TRP D 82 35.31 -1.71 16.66
CA TRP D 82 34.04 -1.76 17.40
C TRP D 82 34.13 -0.96 18.69
N VAL D 83 32.96 -0.56 19.17
CA VAL D 83 32.76 0.18 20.40
C VAL D 83 31.61 -0.50 21.12
N SER D 84 31.81 -0.70 22.40
CA SER D 84 30.83 -1.36 23.19
C SER D 84 30.56 -0.67 24.54
N LEU D 85 29.30 -0.80 24.98
CA LEU D 85 28.80 -0.44 26.30
C LEU D 85 28.48 -1.77 26.97
N VAL D 86 29.26 -2.15 27.98
CA VAL D 86 29.13 -3.45 28.64
C VAL D 86 28.46 -3.26 30.02
N LEU D 87 27.28 -3.87 30.22
CA LEU D 87 26.56 -3.80 31.49
C LEU D 87 27.22 -4.75 32.47
N GLN D 88 27.76 -4.22 33.57
CA GLN D 88 28.49 -4.95 34.60
C GLN D 88 27.58 -5.10 35.85
N ALA D 89 26.99 -6.29 36.04
CA ALA D 89 26.07 -6.56 37.15
C ALA D 89 26.72 -7.30 38.33
N LYS D 90 26.40 -6.84 39.57
CA LYS D 90 26.85 -7.39 40.85
C LYS D 90 25.61 -7.67 41.73
N PRO D 91 25.20 -8.95 41.94
CA PRO D 91 25.77 -10.19 41.41
C PRO D 91 25.48 -10.37 39.92
N GLN D 92 26.24 -11.27 39.25
CA GLN D 92 26.04 -11.58 37.82
C GLN D 92 24.62 -12.11 37.62
N VAL D 93 23.94 -11.66 36.56
CA VAL D 93 22.58 -12.13 36.32
C VAL D 93 22.60 -13.52 35.61
N ASP D 94 21.44 -14.22 35.59
CA ASP D 94 21.20 -15.56 35.04
C ASP D 94 21.88 -15.79 33.69
N PHE D 96 24.60 -14.97 31.99
CA PHE D 96 24.57 -13.69 31.28
C PHE D 96 25.87 -12.89 31.49
N ASP D 97 26.83 -13.05 30.57
CA ASP D 97 28.12 -12.35 30.54
C ASP D 97 28.25 -11.55 29.24
N ASN D 98 27.28 -11.76 28.33
CA ASN D 98 27.18 -11.16 26.99
C ASN D 98 26.26 -9.91 26.96
N LEU D 99 26.00 -9.29 28.13
CA LEU D 99 25.12 -8.12 28.27
C LEU D 99 25.83 -6.86 27.81
N ALA D 100 25.79 -6.61 26.51
CA ALA D 100 26.48 -5.48 25.94
C ALA D 100 25.85 -4.94 24.68
N LEU D 101 26.03 -3.66 24.49
CA LEU D 101 25.66 -2.95 23.29
C LEU D 101 26.95 -2.82 22.50
N THR D 102 26.99 -3.37 21.28
CA THR D 102 28.17 -3.30 20.43
C THR D 102 27.82 -2.66 19.10
N VAL D 103 28.69 -1.72 18.68
CA VAL D 103 28.62 -0.98 17.43
C VAL D 103 29.86 -1.36 16.63
N GLU D 104 29.67 -1.89 15.43
CA GLU D 104 30.75 -2.22 14.53
C GLU D 104 31.05 -1.02 13.64
N LEU D 105 32.33 -0.69 13.52
CA LEU D 105 32.76 0.41 12.69
C LEU D 105 33.46 -0.17 11.48
N PHE D 106 32.99 0.22 10.30
CA PHE D 106 33.54 -0.23 9.03
C PHE D 106 34.30 0.93 8.36
N PRO D 107 35.13 0.68 7.34
CA PRO D 107 35.83 1.78 6.68
C PRO D 107 34.87 2.56 5.76
N CYS D 108 33.95 3.32 6.41
CA CYS D 108 32.90 4.17 5.85
C CYS D 108 33.31 5.64 5.95
N SER D 109 33.06 6.43 4.88
CA SER D 109 33.34 7.88 4.82
C SER D 109 32.22 8.62 4.10
N ASN D 112 30.99 10.62 7.87
CA ASN D 112 31.09 10.10 9.23
C ASN D 112 30.49 11.11 10.23
N LYS D 113 29.32 10.72 10.81
CA LYS D 113 28.48 11.54 11.69
C LYS D 113 28.20 10.85 13.03
N LEU D 114 27.28 11.43 13.83
CA LEU D 114 26.87 10.91 15.13
C LEU D 114 26.30 9.46 15.03
N VAL D 115 26.90 8.52 15.80
CA VAL D 115 26.43 7.14 15.87
C VAL D 115 25.53 7.07 17.10
N ASP D 116 24.24 6.78 16.89
CA ASP D 116 23.30 6.72 18.00
C ASP D 116 22.62 5.36 18.01
N ARG D 117 23.07 4.47 18.89
CA ARG D 117 22.54 3.12 19.03
C ARG D 117 21.98 2.86 20.43
N SER D 118 20.86 2.15 20.50
CA SER D 118 20.18 1.77 21.74
C SER D 118 20.20 0.25 21.91
N TRP D 119 20.12 -0.20 23.18
CA TRP D 119 20.06 -1.59 23.62
C TRP D 119 19.12 -1.71 24.81
N SER D 120 18.46 -2.86 24.95
CA SER D 120 17.61 -3.12 26.12
C SER D 120 17.51 -4.59 26.39
N GLN D 121 17.25 -4.94 27.66
CA GLN D 121 17.03 -6.30 28.12
C GLN D 121 16.19 -6.29 29.40
N LEU D 122 15.25 -7.24 29.49
CA LEU D 122 14.43 -7.45 30.68
C LEU D 122 15.22 -8.39 31.58
N LEU D 123 15.61 -7.91 32.78
CA LEU D 123 16.42 -8.70 33.69
C LEU D 123 15.81 -8.84 35.08
N LEU D 124 15.97 -10.02 35.69
CA LEU D 124 15.56 -10.28 37.05
C LEU D 124 16.67 -9.78 37.97
N LEU D 125 16.38 -8.73 38.75
CA LEU D 125 17.34 -8.14 39.66
C LEU D 125 16.92 -8.39 41.11
N LYS D 126 17.91 -8.47 42.01
CA LYS D 126 17.77 -8.72 43.44
C LYS D 126 17.82 -7.40 44.20
N ALA D 127 17.46 -7.44 45.49
CA ALA D 127 17.53 -6.28 46.39
C ALA D 127 18.99 -5.96 46.66
N GLY D 128 19.39 -4.74 46.34
CA GLY D 128 20.76 -4.27 46.50
C GLY D 128 21.62 -4.53 45.27
N HIS D 129 20.98 -4.83 44.12
CA HIS D 129 21.66 -5.11 42.87
C HIS D 129 22.43 -3.88 42.39
N ARG D 130 23.68 -4.07 42.01
CA ARG D 130 24.57 -3.02 41.57
C ARG D 130 24.88 -3.20 40.10
N LEU D 131 24.74 -2.11 39.34
CA LEU D 131 24.92 -2.09 37.90
C LEU D 131 25.84 -0.94 37.50
N SER D 132 26.96 -1.28 36.87
CA SER D 132 27.91 -0.29 36.35
C SER D 132 28.06 -0.53 34.85
N VAL D 133 28.63 0.44 34.10
CA VAL D 133 28.75 0.32 32.65
C VAL D 133 30.20 0.56 32.24
N GLY D 134 30.76 -0.41 31.53
CA GLY D 134 32.11 -0.30 30.99
C GLY D 134 32.11 0.08 29.52
N LEU D 135 32.94 1.07 29.17
CA LEU D 135 33.17 1.44 27.79
C LEU D 135 34.29 0.53 27.26
N ARG D 136 34.05 -0.17 26.13
CA ARG D 136 35.06 -1.02 25.49
C ARG D 136 35.27 -0.54 24.03
N ALA D 137 36.52 -0.54 23.56
CA ALA D 137 36.79 -0.09 22.19
C ALA D 137 38.06 -0.72 21.61
N TYR D 138 37.94 -1.18 20.37
CA TYR D 138 39.05 -1.64 19.58
C TYR D 138 38.96 -0.91 18.25
N LEU D 139 39.89 0.02 18.03
CA LEU D 139 39.96 0.86 16.84
C LEU D 139 41.33 0.74 16.22
N HIS D 140 41.38 0.65 14.89
CA HIS D 140 42.61 0.52 14.11
C HIS D 140 42.39 0.97 12.66
N GLY D 141 43.49 1.21 11.96
CA GLY D 141 43.48 1.68 10.57
C GLY D 141 44.20 3.01 10.38
N ALA D 142 44.29 3.82 11.47
CA ALA D 142 44.96 5.11 11.52
C ALA D 142 45.66 5.30 12.88
N GLN D 143 46.70 6.14 12.93
CA GLN D 143 47.61 6.38 14.05
C GLN D 143 46.93 6.58 15.44
N ASP D 144 46.08 7.60 15.64
CA ASP D 144 45.45 7.80 16.95
C ASP D 144 43.94 7.69 16.77
N ALA D 145 43.50 6.51 16.34
CA ALA D 145 42.13 6.11 16.03
C ALA D 145 41.14 6.34 17.20
N TYR D 146 41.59 6.22 18.47
CA TYR D 146 40.74 6.38 19.66
C TYR D 146 40.38 7.85 19.90
N ARG D 147 41.15 8.77 19.30
CA ARG D 147 40.94 10.21 19.43
C ARG D 147 39.86 10.70 18.45
N ASP D 148 39.47 9.85 17.48
CA ASP D 148 38.48 10.15 16.41
C ASP D 148 37.02 10.11 16.88
N TRP D 149 36.76 9.62 18.10
CA TRP D 149 35.41 9.57 18.66
C TRP D 149 35.41 10.02 20.10
N GLU D 150 34.28 10.54 20.57
CA GLU D 150 34.14 11.00 21.95
C GLU D 150 32.72 10.83 22.44
N LEU D 151 32.55 10.86 23.76
CA LEU D 151 31.26 10.87 24.45
C LEU D 151 31.16 12.24 25.02
N SER D 152 30.28 13.07 24.47
CA SER D 152 30.15 14.43 24.95
C SER D 152 28.70 14.92 25.01
N TYR D 153 28.48 15.94 25.84
CA TYR D 153 27.24 16.68 25.94
C TYR D 153 27.24 17.66 24.75
N PRO D 154 26.12 17.92 24.01
CA PRO D 154 24.72 17.53 24.27
C PRO D 154 24.26 16.18 23.70
N ASN D 155 25.08 15.46 22.92
CA ASN D 155 24.65 14.14 22.41
C ASN D 155 25.11 13.10 23.42
N THR D 156 24.44 13.10 24.58
CA THR D 156 24.84 12.34 25.76
C THR D 156 24.34 10.89 25.79
N THR D 157 25.27 9.99 26.01
CA THR D 157 25.10 8.56 26.21
C THR D 157 24.30 8.41 27.51
N SER D 158 23.39 7.44 27.54
CA SER D 158 22.55 7.24 28.69
C SER D 158 22.46 5.78 29.12
N PHE D 159 22.01 5.61 30.35
CA PHE D 159 21.84 4.37 31.01
C PHE D 159 20.79 4.53 32.07
N GLY D 160 19.92 3.54 32.15
CA GLY D 160 18.90 3.49 33.14
C GLY D 160 18.12 2.20 33.08
N LEU D 161 16.99 2.19 33.79
CA LEU D 161 16.10 1.05 33.90
C LEU D 161 14.77 1.50 34.46
N PHE D 162 13.83 0.55 34.56
CA PHE D 162 12.53 0.76 35.15
C PHE D 162 12.01 -0.57 35.64
N LEU D 163 11.34 -0.54 36.80
CA LEU D 163 10.73 -1.73 37.38
C LEU D 163 9.44 -2.01 36.64
N VAL D 164 9.38 -3.19 36.00
CA VAL D 164 8.27 -3.69 35.19
C VAL D 164 7.36 -4.58 36.07
N LYS D 165 7.97 -5.42 36.90
CA LYS D 165 7.21 -6.34 37.72
C LYS D 165 7.90 -6.57 39.07
N PRO D 166 7.36 -6.04 40.20
CA PRO D 166 7.99 -6.30 41.51
C PRO D 166 7.96 -7.78 41.89
N ASP D 167 8.90 -8.22 42.72
CA ASP D 167 8.90 -9.63 43.17
C ASP D 167 7.79 -9.74 44.19
N ASN D 168 7.78 -8.84 45.16
CA ASN D 168 6.64 -8.82 46.12
C ASN D 168 5.93 -7.48 45.96
N PRO D 169 4.74 -7.45 45.34
CA PRO D 169 3.98 -6.22 45.13
C PRO D 169 3.49 -5.59 46.45
C1 NAG E . -39.98 -2.41 -16.58
C2 NAG E . -41.37 -1.96 -17.04
C3 NAG E . -41.47 -0.44 -16.95
C4 NAG E . -41.00 0.12 -15.60
C5 NAG E . -39.64 -0.46 -15.21
C6 NAG E . -39.18 -0.06 -13.82
C7 NAG E . -42.45 -3.11 -18.94
C8 NAG E . -42.08 -3.66 -20.29
N2 NAG E . -41.50 -2.33 -18.43
O3 NAG E . -42.79 -0.01 -17.26
O4 NAG E . -40.89 1.55 -15.69
O5 NAG E . -39.67 -1.89 -15.28
O6 NAG E . -37.76 -0.27 -13.75
O7 NAG E . -43.53 -3.35 -18.41
C1 NAG E . -41.85 2.33 -15.03
C2 NAG E . -41.25 3.73 -14.81
C3 NAG E . -42.32 4.68 -14.26
C4 NAG E . -43.59 4.69 -15.11
C5 NAG E . -44.10 3.24 -15.27
C6 NAG E . -45.32 3.13 -16.18
C7 NAG E . -38.88 4.11 -14.23
C8 NAG E . -37.84 3.84 -13.20
N2 NAG E . -40.10 3.66 -13.93
O3 NAG E . -41.79 6.02 -14.17
O4 NAG E . -44.57 5.55 -14.53
O5 NAG E . -43.05 2.42 -15.81
O6 NAG E . -45.42 1.85 -16.81
O7 NAG E . -38.60 4.71 -15.28
C1 BMA E . -45.01 6.69 -15.26
C2 BMA E . -46.55 6.68 -15.26
C3 BMA E . -47.11 7.96 -15.91
C4 BMA E . -46.43 9.24 -15.39
C5 BMA E . -44.89 9.12 -15.32
C6 BMA E . -44.21 10.28 -14.58
O2 BMA E . -47.03 6.54 -13.91
O3 BMA E . -48.53 8.06 -15.69
O4 BMA E . -46.82 10.35 -16.20
O5 BMA E . -44.52 7.89 -14.66
O6 BMA E . -44.58 11.58 -15.06
C1 MAN E . -49.41 8.26 -16.81
C2 MAN E . -50.06 9.66 -16.67
C3 MAN E . -51.05 9.72 -15.51
C4 MAN E . -52.06 8.57 -15.46
C5 MAN E . -51.38 7.21 -15.75
C6 MAN E . -52.38 6.08 -15.97
O2 MAN E . -50.68 10.02 -17.92
O3 MAN E . -51.74 10.99 -15.48
O4 MAN E . -52.64 8.54 -14.16
O5 MAN E . -50.45 7.25 -16.85
O6 MAN E . -51.93 4.94 -15.24
C1 NAG F . -9.60 18.08 -34.74
C2 NAG F . -9.87 19.55 -35.06
C3 NAG F . -11.22 19.68 -35.77
C4 NAG F . -11.36 18.71 -36.96
C5 NAG F . -10.97 17.29 -36.56
C6 NAG F . -10.93 16.34 -37.75
C7 NAG F . -9.27 21.31 -33.41
C8 NAG F . -9.32 21.54 -31.93
N2 NAG F . -9.99 20.27 -33.81
O3 NAG F . -11.43 21.03 -36.19
O4 NAG F . -12.71 18.71 -37.42
O5 NAG F . -9.68 17.29 -35.93
O6 NAG F . -10.97 15.01 -37.21
O7 NAG F . -8.65 22.04 -34.13
C1 NAG F . -13.00 19.36 -38.65
C2 NAG F . -14.33 18.79 -39.16
C3 NAG F . -14.88 19.62 -40.34
C4 NAG F . -14.92 21.11 -40.04
C5 NAG F . -13.55 21.60 -39.53
C6 NAG F . -13.61 23.05 -39.04
C7 NAG F . -14.92 16.41 -39.02
C8 NAG F . -14.51 15.03 -39.46
N2 NAG F . -14.16 17.39 -39.50
O3 NAG F . -16.20 19.18 -40.68
O4 NAG F . -15.31 21.82 -41.23
O5 NAG F . -13.09 20.79 -38.45
O6 NAG F . -12.43 23.32 -38.27
O7 NAG F . -15.90 16.58 -38.30
C1 BMA F . -16.52 22.58 -41.20
C2 BMA F . -16.23 24.00 -41.71
C3 BMA F . -17.52 24.83 -41.81
C4 BMA F . -18.69 24.09 -42.47
C5 BMA F . -18.82 22.61 -42.04
C6 BMA F . -19.76 21.80 -42.95
O2 BMA F . -15.56 23.92 -42.98
O3 BMA F . -17.28 26.07 -42.50
O4 BMA F . -19.89 24.79 -42.14
O5 BMA F . -17.54 21.95 -42.02
O6 BMA F . -21.09 22.33 -42.97
C1 NAG G . 7.86 2.71 0.40
C2 NAG G . 8.08 2.29 -1.05
C3 NAG G . 9.37 2.92 -1.58
C4 NAG G . 9.45 4.42 -1.32
C5 NAG G . 9.10 4.77 0.12
C6 NAG G . 9.06 6.27 0.43
C7 NAG G . 7.50 0.02 -1.79
C8 NAG G . 6.00 -0.10 -1.61
N2 NAG G . 8.22 0.86 -1.06
O3 NAG G . 9.50 2.64 -2.98
O4 NAG G . 10.77 4.89 -1.61
O5 NAG G . 7.87 4.14 0.53
O6 NAG G . 7.79 6.95 0.32
O7 NAG G . 8.09 -0.66 -2.59
C1 NAG G . 10.88 5.55 -2.88
C2 NAG G . 12.18 6.33 -2.83
C3 NAG G . 12.44 7.00 -4.17
C4 NAG G . 12.44 5.94 -5.27
C5 NAG G . 11.13 5.17 -5.22
C6 NAG G . 11.14 4.06 -6.26
C7 NAG G . 12.88 7.38 -0.74
C8 NAG G . 12.46 8.30 0.35
N2 NAG G . 12.10 7.36 -1.81
O3 NAG G . 13.72 7.64 -4.14
O4 NAG G . 12.55 6.61 -6.53
O5 NAG G . 10.93 4.61 -3.93
O6 NAG G . 9.84 3.45 -6.28
O7 NAG G . 13.87 6.68 -0.65
C1 BMA G . 13.78 6.26 -7.17
C2 BMA G . 13.59 6.43 -8.68
C3 BMA G . 14.86 6.02 -9.41
C4 BMA G . 15.98 6.91 -8.89
C5 BMA G . 16.09 6.72 -7.38
C6 BMA G . 17.24 7.53 -6.79
O2 BMA G . 13.29 7.79 -8.96
O3 BMA G . 14.70 6.20 -10.81
O4 BMA G . 17.21 6.53 -9.51
O5 BMA G . 14.86 7.09 -6.76
O6 BMA G . 16.89 8.91 -6.72
C1 MAN G . 18.07 9.67 -6.41
C2 MAN G . 17.67 10.93 -5.65
C3 MAN G . 16.76 11.76 -6.52
C4 MAN G . 17.53 12.12 -7.79
C5 MAN G . 17.94 10.82 -8.47
C6 MAN G . 18.69 11.09 -9.77
O2 MAN G . 18.84 11.67 -5.32
O3 MAN G . 16.38 12.96 -5.84
O4 MAN G . 16.69 12.87 -8.68
O5 MAN G . 18.76 10.06 -7.59
O6 MAN G . 18.94 9.86 -10.44
C1 NAG H . 40.22 -2.63 24.90
C2 NAG H . 41.58 -2.40 24.23
C3 NAG H . 41.60 -3.15 22.90
C4 NAG H . 41.16 -4.62 23.02
C5 NAG H . 39.84 -4.74 23.79
C6 NAG H . 39.51 -6.20 24.10
C7 NAG H . 42.58 -0.13 24.29
C8 NAG H . 42.14 1.30 24.17
N2 NAG H . 41.66 -1.00 23.89
O3 NAG H . 42.90 -3.06 22.31
O4 NAG H . 41.00 -5.18 21.71
O5 NAG H . 39.93 -4.02 25.03
O6 NAG H . 38.14 -6.26 24.50
O7 NAG H . 43.69 -0.45 24.70
C1 NAG H . 41.96 -6.10 21.26
C2 NAG H . 41.32 -6.96 20.16
C3 NAG H . 42.38 -7.86 19.49
C4 NAG H . 43.62 -7.07 19.07
C5 NAG H . 44.16 -6.27 20.27
C6 NAG H . 45.39 -5.41 19.94
C7 NAG H . 38.97 -7.68 20.20
C8 NAG H . 37.97 -8.51 20.96
N2 NAG H . 40.22 -7.74 20.69
O3 NAG H . 41.82 -8.54 18.36
O4 NAG H . 44.59 -7.99 18.55
O5 NAG H . 43.11 -5.41 20.76
O6 NAG H . 45.40 -4.15 20.62
O7 NAG H . 38.63 -7.02 19.23
C1 BMA H . 45.08 -7.81 17.23
C2 BMA H . 46.60 -7.95 17.29
C3 BMA H . 47.23 -7.81 15.87
C4 BMA H . 46.50 -8.70 14.85
C5 BMA H . 44.96 -8.54 14.97
C6 BMA H . 44.12 -9.35 14.00
O2 BMA H . 46.94 -9.20 17.91
O3 BMA H . 48.65 -8.07 15.79
O4 BMA H . 46.96 -8.37 13.53
O5 BMA H . 44.53 -8.78 16.31
O6 BMA H . 44.31 -10.76 14.13
C1 MAN H . 49.48 -8.34 16.93
C2 MAN H . 50.28 -7.08 17.31
C3 MAN H . 51.40 -6.78 16.32
C4 MAN H . 52.26 -8.00 15.96
C5 MAN H . 51.40 -9.26 15.71
C6 MAN H . 52.23 -10.53 15.60
O2 MAN H . 50.81 -7.23 18.65
O3 MAN H . 52.22 -5.70 16.79
O4 MAN H . 53.02 -7.67 14.80
O5 MAN H . 50.37 -9.45 16.71
O6 MAN H . 51.80 -11.27 14.47
C1 MAN H . 43.86 -11.48 13.01
C2 MAN H . 43.74 -12.98 13.40
C3 MAN H . 45.08 -13.72 13.36
C4 MAN H . 45.89 -13.45 12.08
C5 MAN H . 46.00 -11.93 11.80
C6 MAN H . 46.67 -11.64 10.46
O2 MAN H . 42.79 -13.64 12.54
O3 MAN H . 44.89 -15.12 13.57
O4 MAN H . 47.18 -14.05 12.22
O5 MAN H . 44.71 -11.27 11.85
O6 MAN H . 46.49 -10.27 10.08
NA NA I . -28.85 -13.94 -17.44
NA NA J . -29.01 -6.37 -31.35
S SO4 K . 2.34 10.85 -12.95
O1 SO4 K . 2.49 10.17 -14.25
O2 SO4 K . 3.70 11.02 -12.37
O3 SO4 K . 1.71 12.19 -13.08
O4 SO4 K . 1.50 10.02 -12.05
S SO4 L . -31.19 16.96 -33.63
O1 SO4 L . -30.46 16.26 -34.72
O2 SO4 L . -30.35 17.06 -32.44
O3 SO4 L . -31.57 18.33 -34.07
O4 SO4 L . -32.42 16.20 -33.34
S SO4 M . -2.42 15.99 -14.18
O1 SO4 M . -2.50 16.20 -15.66
O2 SO4 M . -1.01 15.72 -13.83
O3 SO4 M . -2.87 17.24 -13.50
O4 SO4 M . -3.31 14.87 -13.79
S SO4 N . -29.35 20.63 -18.58
O1 SO4 N . -28.44 19.45 -18.52
O2 SO4 N . -28.68 21.78 -19.24
O3 SO4 N . -29.74 21.02 -17.20
O4 SO4 N . -30.56 20.25 -19.35
NA NA O . -13.56 13.80 -16.75
S SO4 P . 28.60 -12.00 4.55
O1 SO4 P . 29.65 -12.99 4.85
O2 SO4 P . 29.20 -10.65 4.51
O3 SO4 P . 27.96 -12.31 3.25
O4 SO4 P . 27.59 -12.03 5.62
S SO4 Q . -8.63 7.46 12.52
O1 SO4 Q . -7.56 7.77 11.54
O2 SO4 Q . -8.09 6.49 13.50
O3 SO4 Q . -9.07 8.66 13.26
O4 SO4 Q . -9.80 6.89 11.81
S SO4 R . 2.42 -14.98 12.70
O1 SO4 R . 2.57 -16.08 11.70
O3 SO4 R . 1.66 -13.86 12.11
O4 SO4 R . 3.72 -14.56 13.23
NA NA S . 13.17 -10.93 12.25
NA NA T . 10.39 -9.85 13.57
S SO4 U . 31.67 16.39 32.47
O1 SO4 U . 32.66 17.28 31.83
O2 SO4 U . 32.36 15.21 33.05
O3 SO4 U . 30.98 17.14 33.54
O4 SO4 U . 30.67 15.95 31.47
NA NA V . 28.54 11.66 22.41
#